data_7AAJ
#
_entry.id   7AAJ
#
_cell.length_a   81.163
_cell.length_b   84.608
_cell.length_c   108.913
_cell.angle_alpha   90.000
_cell.angle_beta   90.000
_cell.angle_gamma   90.000
#
_symmetry.space_group_name_H-M   'P 21 21 21'
#
loop_
_entity.id
_entity.type
_entity.pdbx_description
1 polymer 'Porphobilinogen deaminase'
2 non-polymer '3-[5-{[3-(2-carboxyethyl)-4-(carboxymethyl)-5-methyl-1H-pyrrol-2-yl]methyl}-4-(carboxymethyl)-1H-pyrrol-3-yl]propanoic acid'
3 non-polymer GLYCEROL
4 water water
#
_entity_poly.entity_id   1
_entity_poly.type   'polypeptide(L)'
_entity_poly.pdbx_seq_one_letter_code
;GSMSGNGNAAATAEENSPKMRVIRVGTRKSQLARIQTDSVVATLKASYPGLQFEIIAMSTTGDKILDTALSKIGEKSLFT
KELEHALEKNEVDLVVHSLKDLPTVLPPGFTIGAICKRENPHDAVVFHPKFVGKTLETLPEKSVVGTSSLRRAAQLQRKF
PHLEFRSIRGNLNTRLRKLDEQQEFSAIILATAGLQRMGWHNRVGQILHPEECMYAVGQGALGVEVRAKDQDILDLVGVL
HDPETLLRCIAERAFLRHLEGGCSVPVAVHTAMKDGQLYLTGGVWSLDGSDSIQETMQATIHVPAQHEDGPEDDPQLVGI
TARNIPRGPQLAAQNLGISLANLLLSKGAKNILDVARQLNDAH
;
_entity_poly.pdbx_strand_id   B,A
#
loop_
_chem_comp.id
_chem_comp.type
_chem_comp.name
_chem_comp.formula
DPM non-polymer '3-[5-{[3-(2-carboxyethyl)-4-(carboxymethyl)-5-methyl-1H-pyrrol-2-yl]methyl}-4-(carboxymethyl)-1H-pyrrol-3-yl]propanoic acid' 'C20 H24 N2 O8'
GOL non-polymer GLYCEROL 'C3 H8 O3'
#
# COMPACT_ATOMS: atom_id res chain seq x y z
N LYS A 19 10.30 31.25 -12.74
CA LYS A 19 10.70 30.05 -12.01
C LYS A 19 10.34 30.12 -10.53
N MET A 20 9.05 29.97 -10.23
CA MET A 20 8.57 30.07 -8.86
C MET A 20 8.73 28.75 -8.13
N ARG A 21 8.36 28.77 -6.85
CA ARG A 21 8.25 27.56 -6.04
C ARG A 21 7.09 27.77 -5.08
N VAL A 22 6.17 26.80 -5.03
CA VAL A 22 5.02 26.85 -4.15
C VAL A 22 5.02 25.57 -3.31
N ILE A 23 4.82 25.72 -2.01
CA ILE A 23 4.78 24.57 -1.12
C ILE A 23 3.37 23.98 -1.16
N ARG A 24 3.24 22.77 -1.68
CA ARG A 24 1.93 22.14 -1.86
C ARG A 24 1.62 21.26 -0.66
N VAL A 25 0.44 21.44 -0.08
CA VAL A 25 0.04 20.81 1.17
C VAL A 25 -1.23 19.99 0.94
N GLY A 26 -1.14 18.68 1.19
CA GLY A 26 -2.25 17.79 0.94
C GLY A 26 -3.14 17.67 2.17
N THR A 27 -4.44 17.66 1.95
CA THR A 27 -5.38 17.51 3.04
C THR A 27 -6.54 16.60 2.61
N ARG A 28 -7.05 15.85 3.59
CA ARG A 28 -8.40 15.34 3.49
C ARG A 28 -9.36 16.49 3.72
N LYS A 29 -10.52 16.42 3.08
CA LYS A 29 -11.45 17.53 3.19
C LYS A 29 -12.35 17.44 4.41
N SER A 30 -12.32 16.34 5.14
CA SER A 30 -13.06 16.24 6.38
C SER A 30 -12.68 17.40 7.30
N GLN A 31 -13.62 17.80 8.13
CA GLN A 31 -13.48 19.06 8.89
C GLN A 31 -12.25 19.02 9.78
N LEU A 32 -12.16 18.00 10.65
CA LEU A 32 -11.08 17.94 11.63
C LEU A 32 -9.72 17.86 10.95
N ALA A 33 -9.60 17.04 9.90
CA ALA A 33 -8.35 16.94 9.18
C ALA A 33 -7.97 18.29 8.56
N ARG A 34 -8.96 19.01 8.02
CA ARG A 34 -8.72 20.31 7.42
C ARG A 34 -8.26 21.32 8.47
N ILE A 35 -8.89 21.33 9.65
CA ILE A 35 -8.48 22.24 10.71
C ILE A 35 -7.04 21.96 11.14
N GLN A 36 -6.69 20.68 11.29
CA GLN A 36 -5.32 20.36 11.65
C GLN A 36 -4.35 20.86 10.60
N THR A 37 -4.65 20.59 9.33
CA THR A 37 -3.82 21.11 8.26
C THR A 37 -3.61 22.62 8.37
N ASP A 38 -4.70 23.37 8.62
CA ASP A 38 -4.56 24.83 8.65
C ASP A 38 -3.72 25.33 9.82
N SER A 39 -3.84 24.66 10.97
CA SER A 39 -3.05 25.07 12.13
C SER A 39 -1.56 24.97 11.80
N VAL A 40 -1.19 23.93 11.05
CA VAL A 40 0.23 23.73 10.70
C VAL A 40 0.65 24.75 9.65
N VAL A 41 -0.18 24.97 8.63
CA VAL A 41 0.14 25.96 7.60
C VAL A 41 0.29 27.34 8.22
N ALA A 42 -0.60 27.69 9.15
CA ALA A 42 -0.49 28.95 9.86
C ALA A 42 0.87 29.08 10.53
N THR A 43 1.33 28.03 11.21
CA THR A 43 2.63 28.12 11.86
C THR A 43 3.76 28.28 10.85
N LEU A 44 3.66 27.61 9.70
CA LEU A 44 4.70 27.73 8.69
C LEU A 44 4.72 29.14 8.10
N LYS A 45 3.54 29.67 7.78
CA LYS A 45 3.44 31.03 7.25
C LYS A 45 4.06 32.05 8.20
N ALA A 46 3.88 31.85 9.52
CA ALA A 46 4.47 32.78 10.47
C ALA A 46 6.00 32.72 10.45
N SER A 47 6.57 31.51 10.31
CA SER A 47 8.02 31.40 10.21
C SER A 47 8.53 31.86 8.85
N TYR A 48 7.78 31.58 7.78
CA TYR A 48 8.21 31.84 6.42
C TYR A 48 7.26 32.82 5.70
N PRO A 49 7.11 34.05 6.20
CA PRO A 49 6.14 34.97 5.58
C PRO A 49 6.40 35.26 4.12
N GLY A 50 7.64 35.16 3.66
CA GLY A 50 7.97 35.38 2.27
C GLY A 50 7.73 34.21 1.34
N LEU A 51 7.06 33.14 1.78
CA LEU A 51 6.90 31.92 1.00
C LEU A 51 5.43 31.64 0.72
N GLN A 52 5.19 30.82 -0.30
CA GLN A 52 3.87 30.61 -0.88
C GLN A 52 3.42 29.17 -0.69
N PHE A 53 2.21 28.99 -0.16
CA PHE A 53 1.65 27.68 0.16
C PHE A 53 0.33 27.48 -0.58
N GLU A 54 0.11 26.26 -1.07
CA GLU A 54 -1.10 25.91 -1.79
C GLU A 54 -1.68 24.63 -1.20
N ILE A 55 -2.92 24.71 -0.75
CA ILE A 55 -3.58 23.56 -0.12
C ILE A 55 -4.40 22.82 -1.17
N ILE A 56 -4.14 21.53 -1.31
CA ILE A 56 -4.76 20.71 -2.35
C ILE A 56 -5.65 19.69 -1.66
N ALA A 57 -6.96 19.92 -1.68
CA ALA A 57 -7.91 18.91 -1.24
C ALA A 57 -7.90 17.74 -2.22
N MET A 58 -8.33 16.57 -1.73
CA MET A 58 -8.12 15.35 -2.52
C MET A 58 -9.39 14.59 -2.81
N SER A 59 -9.94 13.86 -1.84
CA SER A 59 -11.13 13.07 -2.08
C SER A 59 -12.39 13.82 -1.64
N SER A 77 -8.21 2.47 7.27
CA SER A 77 -7.95 3.87 6.97
C SER A 77 -7.28 4.04 5.62
N LEU A 78 -8.05 4.02 4.53
CA LEU A 78 -7.47 4.12 3.20
C LEU A 78 -6.87 5.50 2.95
N PHE A 79 -7.23 6.49 3.77
CA PHE A 79 -6.88 7.88 3.49
C PHE A 79 -5.38 8.11 3.61
N THR A 80 -4.76 7.45 4.59
CA THR A 80 -3.31 7.47 4.70
C THR A 80 -2.65 7.02 3.41
N LYS A 81 -3.21 5.98 2.79
CA LYS A 81 -2.62 5.44 1.56
C LYS A 81 -2.64 6.47 0.44
N GLU A 82 -3.78 7.12 0.22
CA GLU A 82 -3.92 7.96 -0.96
C GLU A 82 -3.13 9.26 -0.83
N LEU A 83 -3.19 9.89 0.35
CA LEU A 83 -2.33 11.05 0.58
C LEU A 83 -0.86 10.68 0.44
N GLU A 84 -0.50 9.47 0.87
CA GLU A 84 0.84 8.96 0.57
C GLU A 84 1.05 8.80 -0.93
N HIS A 85 0.03 8.27 -1.63
CA HIS A 85 0.12 8.10 -3.06
C HIS A 85 0.45 9.42 -3.76
N ALA A 86 -0.21 10.51 -3.33
CA ALA A 86 0.05 11.81 -3.92
C ALA A 86 1.46 12.30 -3.60
N LEU A 87 1.99 11.95 -2.43
CA LEU A 87 3.35 12.33 -2.08
C LEU A 87 4.36 11.65 -3.00
N GLU A 88 4.23 10.34 -3.20
CA GLU A 88 5.19 9.65 -4.05
C GLU A 88 5.04 10.06 -5.51
N LYS A 89 3.79 10.22 -5.97
CA LYS A 89 3.54 10.74 -7.32
C LYS A 89 3.95 12.20 -7.48
N ASN A 90 4.49 12.84 -6.42
CA ASN A 90 4.97 14.22 -6.45
C ASN A 90 3.87 15.22 -6.79
N GLU A 91 2.62 14.89 -6.44
CA GLU A 91 1.52 15.85 -6.59
C GLU A 91 1.46 16.83 -5.42
N VAL A 92 2.11 16.50 -4.30
CA VAL A 92 2.06 17.33 -3.10
C VAL A 92 3.36 17.15 -2.33
N ASP A 93 3.66 18.11 -1.46
CA ASP A 93 4.94 18.14 -0.74
C ASP A 93 4.87 17.76 0.73
N LEU A 94 3.74 17.95 1.40
CA LEU A 94 3.64 17.61 2.82
C LEU A 94 2.16 17.42 3.16
N VAL A 95 1.89 16.50 4.11
CA VAL A 95 0.54 16.25 4.61
C VAL A 95 0.58 16.15 6.13
N VAL A 96 -0.52 16.56 6.78
CA VAL A 96 -0.61 16.60 8.23
C VAL A 96 -1.50 15.46 8.70
N HIS A 97 -0.99 14.67 9.66
CA HIS A 97 -1.75 13.61 10.32
C HIS A 97 -1.76 13.84 11.82
N SER A 98 -2.83 13.36 12.46
CA SER A 98 -2.74 13.03 13.88
C SER A 98 -1.68 11.95 14.06
N LEU A 99 -0.74 12.18 14.99
CA LEU A 99 0.42 11.30 15.11
C LEU A 99 -0.01 9.86 15.40
N LYS A 100 -1.06 9.68 16.21
CA LYS A 100 -1.48 8.35 16.61
C LYS A 100 -2.02 7.53 15.44
N ASP A 101 -2.35 8.19 14.33
CA ASP A 101 -2.76 7.54 13.10
C ASP A 101 -1.59 7.10 12.22
N LEU A 102 -0.36 7.55 12.52
CA LEU A 102 0.65 6.93 11.69
C LEU A 102 1.27 5.72 12.37
N PRO A 103 1.55 4.65 11.62
CA PRO A 103 2.15 3.47 12.23
C PRO A 103 3.61 3.71 12.59
N THR A 104 4.12 2.86 13.49
CA THR A 104 5.47 3.06 14.01
C THR A 104 6.53 2.87 12.94
N VAL A 105 6.21 2.19 11.85
CA VAL A 105 7.13 2.08 10.71
C VAL A 105 6.38 2.57 9.48
N LEU A 106 6.92 3.62 8.83
CA LEU A 106 6.28 4.15 7.64
C LEU A 106 6.77 3.40 6.40
N PRO A 107 5.94 3.33 5.36
CA PRO A 107 6.40 2.79 4.09
C PRO A 107 7.68 3.46 3.63
N PRO A 108 8.54 2.73 2.91
CA PRO A 108 9.83 3.31 2.52
C PRO A 108 9.62 4.52 1.63
N GLY A 109 10.51 5.51 1.79
CA GLY A 109 10.42 6.73 1.03
C GLY A 109 9.55 7.81 1.66
N PHE A 110 9.04 7.60 2.87
CA PHE A 110 8.31 8.62 3.61
C PHE A 110 8.91 8.73 5.00
N THR A 111 8.73 9.90 5.62
CA THR A 111 9.19 10.09 6.99
C THR A 111 8.33 11.17 7.64
N ILE A 112 8.32 11.19 8.97
CA ILE A 112 7.69 12.27 9.73
C ILE A 112 8.75 13.35 9.92
N GLY A 113 8.60 14.46 9.20
CA GLY A 113 9.56 15.55 9.23
C GLY A 113 9.31 16.59 10.31
N ALA A 114 8.18 16.52 11.01
CA ALA A 114 7.91 17.43 12.11
C ALA A 114 6.92 16.78 13.05
N ILE A 115 7.17 16.93 14.35
CA ILE A 115 6.23 16.58 15.41
C ILE A 115 5.84 17.89 16.10
N CYS A 116 4.61 18.35 15.89
CA CYS A 116 4.23 19.66 16.41
C CYS A 116 3.96 19.61 17.90
N LYS A 117 3.97 20.80 18.52
CA LYS A 117 3.79 20.87 19.96
C LYS A 117 2.45 20.24 20.35
N ARG A 118 2.52 19.37 21.35
CA ARG A 118 1.37 18.54 21.70
C ARG A 118 0.27 19.39 22.30
N GLU A 119 -0.95 19.12 21.87
CA GLU A 119 -2.12 19.64 22.55
C GLU A 119 -2.49 18.65 23.68
N ASN A 120 -3.66 18.80 24.27
CA ASN A 120 -4.06 17.97 25.39
C ASN A 120 -4.10 16.51 24.94
N PRO A 121 -3.31 15.62 25.54
CA PRO A 121 -3.32 14.22 25.10
C PRO A 121 -4.42 13.35 25.68
N HIS A 122 -5.20 13.86 26.65
CA HIS A 122 -6.09 13.00 27.43
C HIS A 122 -7.36 12.62 26.68
N ASP A 123 -7.85 11.42 26.94
CA ASP A 123 -9.18 11.04 26.53
C ASP A 123 -10.22 11.85 27.30
N ALA A 124 -11.36 12.05 26.68
CA ALA A 124 -12.45 12.83 27.28
C ALA A 124 -13.76 12.06 27.18
N VAL A 125 -14.62 12.31 28.15
CA VAL A 125 -15.98 11.79 28.17
C VAL A 125 -16.92 12.91 27.73
N VAL A 126 -17.74 12.63 26.73
CA VAL A 126 -18.89 13.48 26.38
C VAL A 126 -20.16 12.77 26.84
N PHE A 127 -21.01 13.47 27.58
CA PHE A 127 -22.25 12.92 28.11
C PHE A 127 -23.46 13.31 27.26
N HIS A 128 -24.45 12.42 27.25
CA HIS A 128 -25.77 12.78 26.75
C HIS A 128 -26.26 14.01 27.50
N PRO A 129 -26.99 14.92 26.84
CA PRO A 129 -27.50 16.11 27.54
C PRO A 129 -28.17 15.80 28.87
N LYS A 130 -28.84 14.64 29.00
CA LYS A 130 -29.50 14.30 30.25
C LYS A 130 -28.52 14.16 31.40
N PHE A 131 -27.27 13.81 31.10
CA PHE A 131 -26.28 13.49 32.13
C PHE A 131 -25.21 14.56 32.30
N VAL A 132 -25.38 15.73 31.68
CA VAL A 132 -24.40 16.81 31.84
C VAL A 132 -24.18 17.08 33.32
N GLY A 133 -22.91 17.22 33.70
CA GLY A 133 -22.51 17.43 35.07
C GLY A 133 -22.07 16.18 35.79
N LYS A 134 -22.47 15.00 35.31
CA LYS A 134 -22.10 13.74 35.92
C LYS A 134 -20.67 13.34 35.50
N THR A 135 -20.19 12.25 36.10
CA THR A 135 -18.94 11.61 35.70
C THR A 135 -19.22 10.14 35.39
N LEU A 136 -18.21 9.46 34.86
CA LEU A 136 -18.34 8.01 34.71
C LEU A 136 -18.54 7.34 36.06
N GLU A 137 -17.92 7.90 37.12
CA GLU A 137 -18.08 7.36 38.46
C GLU A 137 -19.50 7.49 38.99
N THR A 138 -20.33 8.36 38.39
CA THR A 138 -21.65 8.63 38.91
C THR A 138 -22.77 8.34 37.91
N LEU A 139 -22.44 7.74 36.76
CA LEU A 139 -23.49 7.31 35.85
C LEU A 139 -24.33 6.23 36.51
N PRO A 140 -25.61 6.11 36.14
CA PRO A 140 -26.40 4.96 36.59
C PRO A 140 -25.81 3.65 36.10
N GLU A 141 -25.99 2.59 36.88
CA GLU A 141 -25.41 1.31 36.51
C GLU A 141 -25.97 0.83 35.17
N LYS A 142 -25.11 0.15 34.41
CA LYS A 142 -25.41 -0.41 33.09
C LYS A 142 -25.69 0.65 32.03
N SER A 143 -25.27 1.90 32.23
CA SER A 143 -25.25 2.85 31.12
C SER A 143 -24.30 2.36 30.02
N VAL A 144 -24.65 2.67 28.78
CA VAL A 144 -23.85 2.27 27.63
C VAL A 144 -22.92 3.43 27.27
N VAL A 145 -21.62 3.16 27.18
CA VAL A 145 -20.63 4.15 26.76
C VAL A 145 -20.10 3.75 25.39
N GLY A 146 -20.15 4.70 24.44
CA GLY A 146 -19.76 4.42 23.08
C GLY A 146 -18.29 4.68 22.82
N THR A 147 -17.62 3.70 22.23
CA THR A 147 -16.23 3.81 21.80
C THR A 147 -15.89 2.62 20.94
N SER A 148 -15.20 2.86 19.82
CA SER A 148 -14.73 1.79 18.95
C SER A 148 -13.24 1.54 19.11
N SER A 149 -12.65 1.96 20.23
CA SER A 149 -11.23 1.77 20.50
C SER A 149 -11.05 0.61 21.46
N LEU A 150 -10.22 -0.35 21.07
CA LEU A 150 -9.95 -1.49 21.96
C LEU A 150 -9.25 -1.02 23.22
N ARG A 151 -8.28 -0.13 23.08
CA ARG A 151 -7.58 0.46 24.22
C ARG A 151 -8.55 1.12 25.19
N ARG A 152 -9.49 1.92 24.67
CA ARG A 152 -10.41 2.65 25.55
C ARG A 152 -11.34 1.68 26.27
N ALA A 153 -11.89 0.70 25.55
CA ALA A 153 -12.87 -0.20 26.16
C ALA A 153 -12.24 -1.07 27.24
N ALA A 154 -11.05 -1.60 26.99
CA ALA A 154 -10.39 -2.47 27.95
C ALA A 154 -10.10 -1.75 29.26
N GLN A 155 -9.51 -0.56 29.17
CA GLN A 155 -9.17 0.20 30.37
C GLN A 155 -10.43 0.63 31.12
N LEU A 156 -11.44 1.10 30.38
CA LEU A 156 -12.63 1.63 31.05
C LEU A 156 -13.51 0.53 31.60
N GLN A 157 -13.50 -0.67 31.00
CA GLN A 157 -14.19 -1.81 31.60
C GLN A 157 -13.58 -2.15 32.96
N ARG A 158 -12.25 -2.21 33.02
CA ARG A 158 -11.56 -2.59 34.24
C ARG A 158 -11.89 -1.66 35.40
N LYS A 159 -11.92 -0.35 35.14
CA LYS A 159 -12.14 0.65 36.17
C LYS A 159 -13.63 0.89 36.45
N PHE A 160 -14.52 0.52 35.52
CA PHE A 160 -15.96 0.73 35.67
C PHE A 160 -16.69 -0.56 35.33
N PRO A 161 -16.72 -1.52 36.26
CA PRO A 161 -17.36 -2.81 35.97
C PRO A 161 -18.85 -2.68 35.68
N HIS A 162 -19.52 -1.73 36.32
CA HIS A 162 -20.96 -1.63 36.24
C HIS A 162 -21.45 -0.87 35.01
N LEU A 163 -20.56 -0.59 34.05
CA LEU A 163 -20.93 0.10 32.83
C LEU A 163 -20.75 -0.82 31.62
N GLU A 164 -21.52 -0.56 30.58
CA GLU A 164 -21.40 -1.25 29.30
C GLU A 164 -20.69 -0.36 28.31
N PHE A 165 -19.79 -0.95 27.51
CA PHE A 165 -19.08 -0.22 26.48
C PHE A 165 -19.33 -0.91 25.14
N ARG A 166 -19.82 -0.15 24.17
CA ARG A 166 -20.21 -0.70 22.88
C ARG A 166 -19.64 0.15 21.75
N SER A 167 -19.44 -0.50 20.61
CA SER A 167 -18.84 0.16 19.47
C SER A 167 -19.74 1.29 18.96
N ILE A 168 -19.10 2.37 18.52
CA ILE A 168 -19.80 3.47 17.86
C ILE A 168 -18.93 3.92 16.68
N ARG A 169 -19.56 4.16 15.54
CA ARG A 169 -18.85 4.46 14.31
C ARG A 169 -19.22 5.84 13.80
N GLY A 170 -18.29 6.47 13.09
CA GLY A 170 -18.50 7.76 12.46
C GLY A 170 -17.44 8.76 12.88
N ASN A 171 -17.58 9.96 12.32
CA ASN A 171 -16.69 11.06 12.69
C ASN A 171 -17.23 11.73 13.96
N LEU A 172 -16.60 12.84 14.36
CA LEU A 172 -16.90 13.40 15.68
C LEU A 172 -18.30 14.01 15.72
N ASN A 173 -18.73 14.68 14.65
CA ASN A 173 -20.07 15.25 14.64
C ASN A 173 -21.11 14.14 14.55
N THR A 174 -20.82 13.09 13.78
CA THR A 174 -21.77 11.98 13.65
C THR A 174 -21.90 11.22 14.97
N ARG A 175 -20.81 11.08 15.72
CA ARG A 175 -20.89 10.44 17.03
C ARG A 175 -21.66 11.32 18.02
N LEU A 176 -21.42 12.63 17.99
CA LEU A 176 -22.17 13.53 18.86
C LEU A 176 -23.65 13.49 18.53
N ARG A 177 -24.01 13.33 17.25
CA ARG A 177 -25.41 13.21 16.87
C ARG A 177 -26.03 11.93 17.41
N LYS A 178 -25.39 10.78 17.15
CA LYS A 178 -25.91 9.50 17.60
C LYS A 178 -25.99 9.41 19.12
N LEU A 179 -25.17 10.20 19.83
CA LEU A 179 -25.26 10.23 21.29
C LEU A 179 -26.53 10.95 21.74
N ASP A 180 -26.82 12.12 21.13
CA ASP A 180 -27.89 12.98 21.62
C ASP A 180 -29.26 12.58 21.09
N GLU A 181 -29.34 12.16 19.83
CA GLU A 181 -30.63 11.93 19.20
C GLU A 181 -31.14 10.51 19.39
N GLN A 182 -30.35 9.51 18.98
CA GLN A 182 -30.64 8.16 19.42
C GLN A 182 -30.48 8.07 20.94
N GLN A 183 -31.17 7.12 21.56
CA GLN A 183 -31.14 6.98 23.01
C GLN A 183 -30.32 5.78 23.48
N GLU A 184 -29.51 5.20 22.60
CA GLU A 184 -28.67 4.08 22.97
C GLU A 184 -27.62 4.49 23.99
N PHE A 185 -26.77 5.45 23.62
CA PHE A 185 -25.60 5.79 24.42
C PHE A 185 -25.92 6.83 25.49
N SER A 186 -25.35 6.63 26.68
CA SER A 186 -25.37 7.64 27.73
C SER A 186 -24.12 8.53 27.70
N ALA A 187 -23.06 8.09 27.02
CA ALA A 187 -21.81 8.82 26.94
C ALA A 187 -20.98 8.23 25.81
N ILE A 188 -19.98 9.00 25.36
CA ILE A 188 -18.99 8.52 24.40
C ILE A 188 -17.62 9.01 24.83
N ILE A 189 -16.60 8.31 24.38
CA ILE A 189 -15.21 8.67 24.66
C ILE A 189 -14.61 9.22 23.38
N LEU A 190 -13.91 10.36 23.51
CA LEU A 190 -13.23 11.00 22.38
C LEU A 190 -11.97 11.67 22.88
N ALA A 191 -11.04 11.92 21.96
CA ALA A 191 -9.83 12.64 22.34
C ALA A 191 -10.19 14.08 22.66
N THR A 192 -9.69 14.57 23.80
CA THR A 192 -9.84 15.96 24.16
C THR A 192 -9.34 16.88 23.06
N ALA A 193 -8.17 16.54 22.47
CA ALA A 193 -7.57 17.37 21.44
C ALA A 193 -8.51 17.59 20.26
N GLY A 194 -9.23 16.53 19.86
CA GLY A 194 -10.12 16.63 18.71
C GLY A 194 -11.31 17.53 18.98
N LEU A 195 -11.96 17.34 20.13
CA LEU A 195 -13.06 18.22 20.53
C LEU A 195 -12.60 19.67 20.61
N GLN A 196 -11.44 19.92 21.21
CA GLN A 196 -10.92 21.29 21.28
C GLN A 196 -10.75 21.90 19.89
N ARG A 197 -10.10 21.16 18.98
CA ARG A 197 -9.83 21.68 17.65
C ARG A 197 -11.11 21.93 16.86
N MET A 198 -12.15 21.15 17.12
CA MET A 198 -13.42 21.24 16.41
C MET A 198 -14.32 22.34 16.94
N GLY A 199 -13.96 23.00 18.04
CA GLY A 199 -14.84 23.99 18.62
C GLY A 199 -15.88 23.40 19.55
N TRP A 200 -15.69 22.16 20.01
CA TRP A 200 -16.59 21.48 20.93
C TRP A 200 -16.03 21.40 22.34
N HIS A 201 -15.13 22.31 22.71
CA HIS A 201 -14.55 22.31 24.06
C HIS A 201 -15.61 22.20 25.15
N ASN A 202 -16.76 22.86 24.97
CA ASN A 202 -17.76 22.91 26.03
C ASN A 202 -18.46 21.57 26.28
N ARG A 203 -18.48 20.67 25.29
CA ARG A 203 -19.03 19.32 25.49
C ARG A 203 -18.09 18.39 26.24
N VAL A 204 -16.84 18.80 26.45
CA VAL A 204 -15.94 18.00 27.26
C VAL A 204 -16.52 17.98 28.67
N GLY A 205 -17.04 16.82 29.08
CA GLY A 205 -17.70 16.68 30.36
C GLY A 205 -16.74 16.24 31.45
N GLN A 206 -15.85 15.31 31.11
CA GLN A 206 -14.83 14.84 32.03
C GLN A 206 -13.56 14.53 31.25
N ILE A 207 -12.42 14.95 31.78
CA ILE A 207 -11.12 14.60 31.21
C ILE A 207 -10.56 13.43 32.01
N LEU A 208 -10.31 12.31 31.33
CA LEU A 208 -9.89 11.08 32.02
C LEU A 208 -8.43 11.15 32.43
N HIS A 209 -8.18 10.80 33.69
CA HIS A 209 -6.86 10.72 34.29
C HIS A 209 -6.20 9.39 33.93
N PRO A 210 -4.87 9.31 34.05
CA PRO A 210 -4.18 8.05 33.71
C PRO A 210 -4.69 6.86 34.49
N GLU A 211 -5.13 7.05 35.73
CA GLU A 211 -5.65 5.96 36.54
C GLU A 211 -6.98 5.44 36.03
N GLU A 212 -7.67 6.23 35.19
CA GLU A 212 -8.92 5.83 34.55
C GLU A 212 -8.71 5.33 33.12
N CYS A 213 -7.97 6.09 32.32
CA CYS A 213 -7.76 5.72 30.92
C CYS A 213 -6.49 6.43 30.45
N MET A 214 -5.43 5.68 30.23
CA MET A 214 -4.25 6.27 29.60
C MET A 214 -4.46 6.44 28.11
N TYR A 215 -3.74 7.40 27.51
CA TYR A 215 -3.99 7.72 26.11
C TYR A 215 -3.19 6.86 25.15
N ALA A 216 -3.60 6.95 23.88
CA ALA A 216 -2.90 6.28 22.79
C ALA A 216 -1.53 6.92 22.54
N VAL A 217 -0.59 6.09 22.07
CA VAL A 217 0.71 6.57 21.63
C VAL A 217 0.57 7.74 20.66
N GLY A 218 1.13 8.89 21.03
CA GLY A 218 1.15 10.07 20.17
C GLY A 218 -0.16 10.86 20.11
N GLN A 219 -1.17 10.49 20.90
CA GLN A 219 -2.41 11.25 20.94
C GLN A 219 -2.15 12.70 21.28
N GLY A 220 -2.81 13.62 20.58
CA GLY A 220 -2.71 15.03 20.85
C GLY A 220 -1.62 15.74 20.06
N ALA A 221 -0.63 15.02 19.57
CA ALA A 221 0.40 15.62 18.71
C ALA A 221 0.05 15.44 17.23
N LEU A 222 0.38 16.46 16.41
CA LEU A 222 0.30 16.37 14.95
C LEU A 222 1.65 15.98 14.37
N GLY A 223 1.62 15.17 13.34
CA GLY A 223 2.83 14.78 12.62
C GLY A 223 2.73 15.19 11.17
N VAL A 224 3.83 15.68 10.62
CA VAL A 224 3.89 16.18 9.25
C VAL A 224 4.68 15.16 8.43
N GLU A 225 4.01 14.50 7.50
CA GLU A 225 4.65 13.46 6.68
C GLU A 225 5.14 14.06 5.37
N VAL A 226 6.38 13.71 4.99
CA VAL A 226 7.03 14.25 3.80
C VAL A 226 7.84 13.14 3.14
N ARG A 227 8.30 13.41 1.92
CA ARG A 227 9.15 12.47 1.22
C ARG A 227 10.51 12.39 1.92
N ALA A 228 10.96 11.17 2.19
CA ALA A 228 12.13 10.95 3.04
C ALA A 228 13.39 11.57 2.47
N LYS A 229 13.49 11.65 1.15
CA LYS A 229 14.65 12.20 0.45
C LYS A 229 14.59 13.71 0.25
N ASP A 230 13.43 14.34 0.44
CA ASP A 230 13.19 15.73 0.08
C ASP A 230 13.81 16.65 1.12
N GLN A 231 15.08 17.01 0.92
CA GLN A 231 15.79 17.80 1.93
C GLN A 231 15.28 19.23 2.01
N ASP A 232 14.78 19.76 0.91
CA ASP A 232 14.25 21.13 0.94
C ASP A 232 13.04 21.22 1.85
N ILE A 233 12.07 20.31 1.66
CA ILE A 233 10.87 20.31 2.50
C ILE A 233 11.20 19.87 3.92
N LEU A 234 12.14 18.94 4.08
CA LEU A 234 12.59 18.55 5.41
C LEU A 234 13.19 19.74 6.15
N ASP A 235 14.01 20.52 5.46
CA ASP A 235 14.51 21.80 6.00
C ASP A 235 13.36 22.67 6.50
N LEU A 236 12.38 22.93 5.64
CA LEU A 236 11.34 23.90 5.98
C LEU A 236 10.51 23.43 7.18
N VAL A 237 10.01 22.19 7.14
CA VAL A 237 9.12 21.73 8.22
C VAL A 237 9.86 21.48 9.52
N GLY A 238 11.19 21.35 9.47
CA GLY A 238 11.96 21.16 10.69
C GLY A 238 11.75 22.25 11.73
N VAL A 239 11.36 23.46 11.29
CA VAL A 239 11.06 24.52 12.23
C VAL A 239 9.87 24.16 13.13
N LEU A 240 9.02 23.21 12.73
CA LEU A 240 7.85 22.86 13.53
C LEU A 240 8.16 21.91 14.70
N HIS A 241 9.32 21.26 14.73
CA HIS A 241 9.57 20.29 15.80
C HIS A 241 9.52 20.98 17.15
N ASP A 242 8.69 20.49 18.05
CA ASP A 242 8.78 20.91 19.43
C ASP A 242 9.62 19.90 20.20
N PRO A 243 10.76 20.30 20.80
CA PRO A 243 11.68 19.29 21.37
C PRO A 243 11.01 18.37 22.39
N GLU A 244 10.29 18.92 23.37
CA GLU A 244 9.70 18.07 24.41
C GLU A 244 8.71 17.07 23.83
N THR A 245 7.81 17.53 22.96
CA THR A 245 6.85 16.66 22.30
C THR A 245 7.54 15.60 21.47
N LEU A 246 8.59 15.99 20.74
CA LEU A 246 9.33 15.05 19.91
C LEU A 246 9.93 13.94 20.76
N LEU A 247 10.48 14.28 21.93
CA LEU A 247 11.11 13.27 22.77
C LEU A 247 10.07 12.36 23.42
N ARG A 248 8.96 12.93 23.88
CA ARG A 248 7.88 12.12 24.45
C ARG A 248 7.36 11.13 23.42
N CYS A 249 7.15 11.58 22.20
CA CYS A 249 6.57 10.75 21.16
C CYS A 249 7.57 9.73 20.63
N ILE A 250 8.87 10.00 20.70
CA ILE A 250 9.84 8.98 20.35
C ILE A 250 9.80 7.84 21.36
N ALA A 251 9.80 8.17 22.65
CA ALA A 251 9.71 7.15 23.69
C ALA A 251 8.43 6.35 23.57
N GLU A 252 7.30 7.04 23.31
CA GLU A 252 6.02 6.36 23.20
C GLU A 252 5.97 5.48 21.96
N ARG A 253 6.52 5.96 20.85
CA ARG A 253 6.48 5.14 19.64
C ARG A 253 7.46 3.97 19.73
N ALA A 254 8.59 4.15 20.41
CA ALA A 254 9.56 3.06 20.51
C ALA A 254 9.05 1.96 21.42
N PHE A 255 8.39 2.35 22.52
CA PHE A 255 7.65 1.39 23.34
C PHE A 255 6.69 0.57 22.48
N LEU A 256 5.86 1.25 21.70
CA LEU A 256 4.84 0.58 20.88
C LEU A 256 5.46 -0.33 19.84
N ARG A 257 6.48 0.15 19.13
CA ARG A 257 7.09 -0.66 18.07
C ARG A 257 7.74 -1.93 18.64
N HIS A 258 8.38 -1.82 19.80
CA HIS A 258 9.06 -2.97 20.35
C HIS A 258 8.08 -4.03 20.86
N LEU A 259 6.83 -3.65 21.19
CA LEU A 259 5.76 -4.56 21.54
C LEU A 259 5.01 -5.14 20.34
N GLU A 260 5.44 -4.86 19.11
CA GLU A 260 4.70 -5.25 17.91
C GLU A 260 3.27 -4.69 17.94
N GLY A 261 3.16 -3.36 17.93
CA GLY A 261 1.88 -2.71 18.09
C GLY A 261 1.68 -1.54 17.14
N GLY A 262 0.41 -1.15 17.02
CA GLY A 262 0.02 0.00 16.23
C GLY A 262 -1.20 0.65 16.82
N CYS A 263 -2.01 1.27 15.95
CA CYS A 263 -3.31 1.78 16.35
C CYS A 263 -4.29 0.65 16.67
N SER A 264 -3.88 -0.59 16.44
CA SER A 264 -4.76 -1.75 16.36
C SER A 264 -4.80 -2.59 17.63
N VAL A 265 -4.15 -2.18 18.70
CA VAL A 265 -3.93 -3.06 19.85
C VAL A 265 -4.32 -2.34 21.13
N PRO A 266 -4.61 -3.08 22.20
CA PRO A 266 -4.92 -2.46 23.52
C PRO A 266 -3.68 -2.15 24.35
N VAL A 267 -2.94 -1.14 23.88
CA VAL A 267 -1.73 -0.62 24.50
C VAL A 267 -1.95 0.87 24.79
N ALA A 268 -1.44 1.35 25.92
CA ALA A 268 -1.59 2.77 26.24
C ALA A 268 -0.37 3.28 26.98
N VAL A 269 -0.27 4.61 27.07
CA VAL A 269 0.92 5.28 27.58
C VAL A 269 0.56 6.57 28.32
N HIS A 270 1.50 7.04 29.13
CA HIS A 270 1.53 8.38 29.70
C HIS A 270 2.99 8.81 29.71
N THR A 271 3.27 10.04 29.25
CA THR A 271 4.61 10.60 29.33
C THR A 271 4.58 11.97 29.97
N ALA A 272 5.68 12.33 30.62
CA ALA A 272 5.85 13.67 31.17
C ALA A 272 7.33 13.99 31.25
N MET A 273 7.66 15.27 31.02
CA MET A 273 9.02 15.78 31.14
C MET A 273 9.03 16.86 32.21
N LYS A 274 9.72 16.60 33.32
CA LYS A 274 9.82 17.56 34.42
C LYS A 274 11.15 17.39 35.12
N ASP A 275 11.86 18.51 35.33
CA ASP A 275 13.10 18.55 36.12
C ASP A 275 14.18 17.67 35.50
N GLY A 276 14.24 17.66 34.16
CA GLY A 276 15.24 16.88 33.48
C GLY A 276 14.92 15.41 33.34
N GLN A 277 13.81 14.94 33.90
CA GLN A 277 13.40 13.55 33.81
C GLN A 277 12.35 13.37 32.71
N LEU A 278 12.49 12.31 31.94
CA LEU A 278 11.41 11.86 31.05
C LEU A 278 10.78 10.62 31.67
N TYR A 279 9.53 10.75 32.10
CA TYR A 279 8.76 9.63 32.64
C TYR A 279 7.92 8.99 31.56
N LEU A 280 7.89 7.65 31.56
CA LEU A 280 7.09 6.86 30.62
C LEU A 280 6.39 5.74 31.39
N THR A 281 5.07 5.81 31.43
CA THR A 281 4.20 4.73 31.89
C THR A 281 3.61 4.06 30.66
N GLY A 282 3.60 2.73 30.66
CA GLY A 282 3.02 1.97 29.58
C GLY A 282 2.21 0.81 30.11
N GLY A 283 1.20 0.42 29.33
CA GLY A 283 0.28 -0.62 29.76
C GLY A 283 -0.21 -1.44 28.58
N VAL A 284 -0.60 -2.68 28.87
CA VAL A 284 -1.30 -3.55 27.92
C VAL A 284 -2.46 -4.21 28.66
N TRP A 285 -3.48 -4.59 27.90
CA TRP A 285 -4.71 -5.09 28.48
C TRP A 285 -5.31 -6.15 27.58
N SER A 286 -5.89 -7.19 28.20
CA SER A 286 -6.86 -8.03 27.51
C SER A 286 -8.05 -7.18 27.09
N LEU A 287 -8.72 -7.61 26.02
CA LEU A 287 -9.82 -6.84 25.45
C LEU A 287 -10.90 -6.49 26.47
N ASP A 288 -11.05 -7.28 27.53
CA ASP A 288 -12.01 -6.99 28.59
C ASP A 288 -11.39 -6.26 29.77
N GLY A 289 -10.07 -6.12 29.79
CA GLY A 289 -9.40 -5.38 30.84
C GLY A 289 -9.09 -6.17 32.10
N SER A 290 -9.41 -7.46 32.13
CA SER A 290 -9.18 -8.24 33.35
C SER A 290 -7.69 -8.53 33.54
N ASP A 291 -6.95 -8.75 32.45
CA ASP A 291 -5.52 -8.95 32.52
C ASP A 291 -4.80 -7.68 32.09
N SER A 292 -3.79 -7.28 32.85
CA SER A 292 -3.17 -5.98 32.69
C SER A 292 -1.76 -6.01 33.27
N ILE A 293 -0.81 -5.50 32.50
CA ILE A 293 0.53 -5.19 32.99
C ILE A 293 0.74 -3.69 32.78
N GLN A 294 1.13 -2.98 33.83
CA GLN A 294 1.36 -1.54 33.77
C GLN A 294 2.56 -1.21 34.65
N GLU A 295 3.61 -0.63 34.04
CA GLU A 295 4.80 -0.21 34.75
C GLU A 295 5.24 1.17 34.27
N THR A 296 6.09 1.81 35.08
CA THR A 296 6.59 3.16 34.81
C THR A 296 8.10 3.17 34.95
N MET A 297 8.76 3.85 34.02
CA MET A 297 10.20 4.05 34.07
C MET A 297 10.54 5.46 33.64
N GLN A 298 11.74 5.90 34.03
CA GLN A 298 12.18 7.27 33.80
C GLN A 298 13.64 7.29 33.37
N ALA A 299 14.12 8.49 33.07
CA ALA A 299 15.49 8.71 32.63
C ALA A 299 15.77 10.20 32.59
N THR A 300 17.05 10.55 32.74
CA THR A 300 17.46 11.93 32.56
C THR A 300 17.58 12.21 31.07
N ILE A 301 16.64 12.96 30.53
CA ILE A 301 16.74 13.60 29.23
C ILE A 301 16.36 15.04 29.47
N HIS A 302 17.30 15.95 29.27
CA HIS A 302 16.97 17.37 29.32
C HIS A 302 16.39 17.79 27.98
N VAL A 303 15.37 18.65 28.03
CA VAL A 303 14.77 19.18 26.81
C VAL A 303 15.81 20.08 26.18
N PRO A 304 16.37 19.71 25.02
CA PRO A 304 17.42 20.55 24.42
C PRO A 304 16.83 21.86 23.90
N ALA A 305 17.52 22.96 24.19
CA ALA A 305 17.10 24.28 23.73
C ALA A 305 17.69 24.64 22.38
N GLN A 306 18.83 24.05 22.00
CA GLN A 306 19.53 24.42 20.79
C GLN A 306 19.04 23.64 19.58
N HIS A 307 19.25 24.21 18.41
CA HIS A 307 19.09 23.57 17.11
C HIS A 307 20.47 23.23 16.54
N GLU A 308 20.49 22.30 15.58
CA GLU A 308 21.72 21.83 14.97
C GLU A 308 21.49 21.60 13.49
N ASP A 309 22.56 21.26 12.78
CA ASP A 309 22.48 20.85 11.38
C ASP A 309 23.14 19.47 11.26
N GLY A 310 22.53 18.47 11.89
CA GLY A 310 23.07 17.14 11.91
C GLY A 310 23.21 16.51 10.53
N PRO A 311 24.05 15.47 10.42
CA PRO A 311 24.30 14.87 9.12
C PRO A 311 23.08 14.15 8.56
N GLU A 312 23.08 14.01 7.24
CA GLU A 312 21.92 13.46 6.55
C GLU A 312 21.82 11.94 6.68
N ASP A 313 22.96 11.25 6.74
CA ASP A 313 22.94 9.79 6.79
C ASP A 313 22.50 9.23 8.13
N ASP A 314 22.29 10.08 9.14
CA ASP A 314 21.63 9.67 10.37
C ASP A 314 20.24 9.15 10.05
N PRO A 315 19.94 7.89 10.34
CA PRO A 315 18.63 7.33 9.97
C PRO A 315 17.52 7.90 10.85
N GLN A 316 16.29 7.64 10.40
CA GLN A 316 15.11 8.02 11.16
C GLN A 316 15.08 7.28 12.49
N LEU A 317 14.48 7.90 13.50
CA LEU A 317 14.17 7.23 14.75
C LEU A 317 12.66 7.07 14.85
N VAL A 318 12.21 5.81 14.98
CA VAL A 318 10.80 5.43 14.98
C VAL A 318 10.03 6.26 13.94
N GLY A 319 10.59 6.34 12.74
CA GLY A 319 9.93 6.97 11.60
C GLY A 319 10.05 8.47 11.52
N ILE A 320 10.80 9.10 12.43
CA ILE A 320 10.84 10.55 12.56
C ILE A 320 12.22 11.07 12.19
N THR A 321 12.26 12.07 11.32
CA THR A 321 13.50 12.72 10.92
C THR A 321 13.60 14.06 11.64
N ALA A 322 14.57 14.19 12.54
CA ALA A 322 14.76 15.39 13.34
C ALA A 322 16.26 15.70 13.43
N ARG A 323 16.87 15.95 12.27
CA ARG A 323 18.29 16.24 12.22
C ARG A 323 18.63 17.59 12.85
N ASN A 324 17.67 18.49 13.02
CA ASN A 324 17.99 19.79 13.59
C ASN A 324 17.79 19.85 15.10
N ILE A 325 17.40 18.73 15.74
CA ILE A 325 17.35 18.60 17.19
C ILE A 325 18.52 17.72 17.62
N PRO A 326 19.19 18.01 18.74
CA PRO A 326 20.30 17.14 19.19
C PRO A 326 19.86 15.69 19.28
N ARG A 327 20.73 14.80 18.79
CA ARG A 327 20.38 13.39 18.63
C ARG A 327 20.47 12.60 19.93
N GLY A 328 21.38 12.97 20.83
CA GLY A 328 21.55 12.27 22.09
C GLY A 328 20.28 12.08 22.89
N PRO A 329 19.54 13.18 23.13
CA PRO A 329 18.24 13.04 23.81
C PRO A 329 17.25 12.18 23.04
N GLN A 330 17.24 12.24 21.70
CA GLN A 330 16.35 11.38 20.93
C GLN A 330 16.67 9.91 21.16
N LEU A 331 17.94 9.55 20.99
CA LEU A 331 18.34 8.16 21.24
C LEU A 331 18.01 7.74 22.66
N ALA A 332 18.16 8.64 23.63
CA ALA A 332 17.82 8.27 25.01
C ALA A 332 16.32 8.00 25.15
N ALA A 333 15.49 8.81 24.50
CA ALA A 333 14.06 8.58 24.55
C ALA A 333 13.70 7.25 23.89
N GLN A 334 14.37 6.91 22.79
CA GLN A 334 14.11 5.64 22.14
C GLN A 334 14.49 4.48 23.05
N ASN A 335 15.61 4.60 23.77
CA ASN A 335 16.03 3.55 24.70
C ASN A 335 15.04 3.38 25.85
N LEU A 336 14.44 4.48 26.34
CA LEU A 336 13.46 4.37 27.41
C LEU A 336 12.25 3.57 26.96
N GLY A 337 11.71 3.90 25.78
CA GLY A 337 10.65 3.09 25.21
C GLY A 337 11.01 1.62 25.15
N ILE A 338 12.18 1.31 24.60
CA ILE A 338 12.60 -0.09 24.46
C ILE A 338 12.71 -0.76 25.82
N SER A 339 13.31 -0.06 26.81
CA SER A 339 13.48 -0.65 28.13
C SER A 339 12.14 -1.03 28.74
N LEU A 340 11.12 -0.18 28.57
CA LEU A 340 9.82 -0.46 29.15
C LEU A 340 9.11 -1.57 28.41
N ALA A 341 9.24 -1.61 27.08
CA ALA A 341 8.66 -2.74 26.36
C ALA A 341 9.27 -4.06 26.84
N ASN A 342 10.59 -4.09 27.02
CA ASN A 342 11.23 -5.32 27.48
C ASN A 342 10.73 -5.70 28.87
N LEU A 343 10.54 -4.72 29.75
CA LEU A 343 10.02 -5.04 31.07
C LEU A 343 8.62 -5.64 30.97
N LEU A 344 7.77 -5.05 30.13
CA LEU A 344 6.41 -5.57 29.95
C LEU A 344 6.42 -6.96 29.35
N LEU A 345 7.30 -7.19 28.36
CA LEU A 345 7.33 -8.49 27.70
C LEU A 345 7.77 -9.59 28.66
N SER A 346 8.70 -9.29 29.57
CA SER A 346 9.13 -10.25 30.58
C SER A 346 8.06 -10.54 31.63
N LYS A 347 7.00 -9.73 31.69
CA LYS A 347 5.87 -10.04 32.56
C LYS A 347 4.66 -10.56 31.78
N GLY A 348 4.87 -11.04 30.56
CA GLY A 348 3.82 -11.67 29.78
C GLY A 348 3.06 -10.79 28.80
N ALA A 349 3.63 -9.66 28.34
CA ALA A 349 2.88 -8.76 27.48
C ALA A 349 2.55 -9.40 26.14
N LYS A 350 3.49 -10.14 25.56
CA LYS A 350 3.24 -10.71 24.24
C LYS A 350 2.06 -11.66 24.26
N ASN A 351 1.87 -12.40 25.36
CA ASN A 351 0.73 -13.29 25.46
C ASN A 351 -0.58 -12.50 25.54
N ILE A 352 -0.61 -11.46 26.36
CA ILE A 352 -1.80 -10.60 26.42
C ILE A 352 -2.13 -10.06 25.03
N LEU A 353 -1.12 -9.61 24.29
CA LEU A 353 -1.34 -8.98 22.99
C LEU A 353 -1.72 -10.00 21.91
N ASP A 354 -1.08 -11.17 21.90
CA ASP A 354 -1.43 -12.18 20.90
C ASP A 354 -2.81 -12.77 21.17
N VAL A 355 -3.21 -12.88 22.43
CA VAL A 355 -4.54 -13.38 22.75
C VAL A 355 -5.60 -12.38 22.31
N ALA A 356 -5.36 -11.09 22.55
CA ALA A 356 -6.31 -10.07 22.12
C ALA A 356 -6.41 -9.99 20.60
N ARG A 357 -5.29 -10.13 19.89
CA ARG A 357 -5.30 -9.94 18.44
C ARG A 357 -6.15 -11.00 17.74
N GLN A 358 -6.08 -12.25 18.21
CA GLN A 358 -6.82 -13.36 17.59
C GLN A 358 -8.33 -13.25 17.79
N LEU A 359 -8.81 -12.20 18.45
CA LEU A 359 -10.24 -11.97 18.60
C LEU A 359 -10.65 -10.65 17.95
N LYS B 19 13.38 10.21 -49.36
CA LYS B 19 13.66 8.97 -48.63
C LYS B 19 12.92 8.92 -47.31
N MET B 20 11.80 9.63 -47.28
CA MET B 20 11.00 9.73 -46.08
C MET B 20 10.59 8.34 -45.58
N ARG B 21 10.81 8.08 -44.28
CA ARG B 21 10.54 6.76 -43.74
C ARG B 21 9.55 6.84 -42.57
N VAL B 22 8.60 5.92 -42.57
CA VAL B 22 7.60 5.81 -41.51
C VAL B 22 7.92 4.57 -40.70
N ILE B 23 7.76 4.66 -39.39
CA ILE B 23 7.79 3.49 -38.54
C ILE B 23 6.37 2.95 -38.47
N ARG B 24 6.18 1.72 -38.93
CA ARG B 24 4.86 1.12 -39.09
C ARG B 24 4.58 0.26 -37.86
N VAL B 25 3.44 0.53 -37.21
CA VAL B 25 3.04 -0.17 -35.99
C VAL B 25 1.81 -1.00 -36.30
N GLY B 26 1.95 -2.32 -36.29
CA GLY B 26 0.82 -3.19 -36.53
C GLY B 26 0.02 -3.45 -35.26
N THR B 27 -1.29 -3.49 -35.40
CA THR B 27 -2.19 -3.75 -34.27
C THR B 27 -3.35 -4.64 -34.69
N ARG B 28 -3.85 -5.40 -33.71
CA ARG B 28 -5.14 -6.05 -33.84
C ARG B 28 -6.26 -5.00 -33.85
N LYS B 29 -7.43 -5.40 -34.35
CA LYS B 29 -8.54 -4.44 -34.42
C LYS B 29 -9.33 -4.32 -33.12
N SER B 30 -9.13 -5.23 -32.17
CA SER B 30 -9.90 -5.19 -30.93
C SER B 30 -9.64 -3.88 -30.19
N GLN B 31 -10.61 -3.48 -29.37
CA GLN B 31 -10.53 -2.18 -28.69
C GLN B 31 -9.32 -2.13 -27.76
N LEU B 32 -9.17 -3.14 -26.89
CA LEU B 32 -8.07 -3.15 -25.93
C LEU B 32 -6.72 -3.15 -26.64
N ALA B 33 -6.57 -3.93 -27.71
CA ALA B 33 -5.31 -3.97 -28.43
C ALA B 33 -4.97 -2.60 -29.04
N ARG B 34 -5.95 -1.93 -29.65
CA ARG B 34 -5.73 -0.61 -30.20
C ARG B 34 -5.34 0.39 -29.11
N ILE B 35 -5.93 0.27 -27.93
CA ILE B 35 -5.62 1.23 -26.87
C ILE B 35 -4.20 1.05 -26.38
N GLN B 36 -3.80 -0.21 -26.16
CA GLN B 36 -2.43 -0.49 -25.75
C GLN B 36 -1.45 0.00 -26.80
N THR B 37 -1.75 -0.24 -28.08
CA THR B 37 -0.89 0.23 -29.16
C THR B 37 -0.75 1.75 -29.15
N ASP B 38 -1.88 2.44 -28.97
CA ASP B 38 -1.87 3.90 -28.94
C ASP B 38 -0.99 4.42 -27.81
N SER B 39 -1.06 3.77 -26.64
CA SER B 39 -0.28 4.20 -25.48
C SER B 39 1.22 4.06 -25.75
N VAL B 40 1.62 3.01 -26.47
CA VAL B 40 3.03 2.81 -26.74
C VAL B 40 3.51 3.82 -27.77
N VAL B 41 2.70 4.05 -28.82
CA VAL B 41 3.03 5.05 -29.84
C VAL B 41 3.16 6.42 -29.21
N ALA B 42 2.28 6.75 -28.27
CA ALA B 42 2.37 8.06 -27.60
C ALA B 42 3.71 8.23 -26.89
N THR B 43 4.15 7.18 -26.19
CA THR B 43 5.42 7.24 -25.48
C THR B 43 6.58 7.34 -26.46
N LEU B 44 6.49 6.65 -27.61
CA LEU B 44 7.55 6.77 -28.60
C LEU B 44 7.60 8.20 -29.15
N LYS B 45 6.44 8.77 -29.48
CA LYS B 45 6.42 10.14 -30.02
C LYS B 45 6.98 11.16 -29.04
N ALA B 46 6.79 10.95 -27.73
CA ALA B 46 7.37 11.85 -26.74
C ALA B 46 8.90 11.79 -26.75
N SER B 47 9.47 10.61 -26.95
CA SER B 47 10.92 10.52 -27.06
C SER B 47 11.41 11.05 -28.40
N TYR B 48 10.64 10.82 -29.47
CA TYR B 48 11.06 11.08 -30.84
C TYR B 48 10.07 12.01 -31.54
N PRO B 49 9.97 13.26 -31.10
CA PRO B 49 8.97 14.18 -31.71
C PRO B 49 9.23 14.49 -33.18
N GLY B 50 10.43 14.28 -33.70
CA GLY B 50 10.66 14.51 -35.10
C GLY B 50 10.49 13.29 -36.01
N LEU B 51 9.78 12.26 -35.51
CA LEU B 51 9.62 10.99 -36.22
C LEU B 51 8.15 10.70 -36.48
N GLN B 52 7.88 9.98 -37.56
CA GLN B 52 6.51 9.67 -37.95
C GLN B 52 6.18 8.19 -37.76
N PHE B 53 5.02 7.94 -37.14
CA PHE B 53 4.52 6.61 -36.87
C PHE B 53 3.17 6.43 -37.56
N GLU B 54 2.98 5.26 -38.15
CA GLU B 54 1.77 4.90 -38.85
C GLU B 54 1.20 3.64 -38.22
N ILE B 55 -0.07 3.67 -37.82
CA ILE B 55 -0.71 2.53 -37.18
C ILE B 55 -1.54 1.79 -38.22
N ILE B 56 -1.20 0.53 -38.45
CA ILE B 56 -1.88 -0.29 -39.44
C ILE B 56 -2.74 -1.33 -38.71
N ALA B 57 -4.05 -1.29 -38.94
CA ALA B 57 -5.00 -2.18 -38.29
C ALA B 57 -5.25 -3.38 -39.19
N MET B 58 -4.77 -4.55 -38.76
CA MET B 58 -4.86 -5.79 -39.54
C MET B 58 -6.09 -6.60 -39.15
N SER B 59 -6.59 -7.37 -40.13
CA SER B 59 -7.75 -8.24 -39.97
C SER B 59 -7.65 -9.20 -38.79
N LEU B 78 -4.92 -18.24 -30.74
CA LEU B 78 -4.10 -17.05 -30.79
C LEU B 78 -4.28 -16.30 -32.11
N PHE B 79 -3.86 -15.05 -32.12
CA PHE B 79 -3.77 -14.27 -33.35
C PHE B 79 -2.43 -13.56 -33.44
N THR B 80 -1.48 -13.94 -32.58
CA THR B 80 -0.10 -13.47 -32.66
C THR B 80 0.52 -13.85 -33.99
N LYS B 81 0.23 -15.08 -34.44
CA LYS B 81 0.77 -15.62 -35.68
C LYS B 81 0.65 -14.66 -36.85
N GLU B 82 -0.54 -14.08 -37.03
CA GLU B 82 -0.82 -13.31 -38.22
C GLU B 82 -0.06 -11.98 -38.26
N LEU B 83 0.11 -11.33 -37.11
CA LEU B 83 0.95 -10.13 -37.05
C LEU B 83 2.42 -10.46 -37.24
N GLU B 84 2.87 -11.59 -36.68
CA GLU B 84 4.25 -12.01 -36.87
C GLU B 84 4.55 -12.23 -38.35
N HIS B 85 3.58 -12.75 -39.09
CA HIS B 85 3.72 -12.84 -40.54
C HIS B 85 3.96 -11.46 -41.16
N ALA B 86 3.36 -10.42 -40.58
CA ALA B 86 3.49 -9.06 -41.10
C ALA B 86 4.85 -8.46 -40.77
N LEU B 87 5.39 -8.75 -39.59
CA LEU B 87 6.78 -8.39 -39.30
C LEU B 87 7.73 -9.14 -40.21
N GLU B 88 7.43 -10.42 -40.47
CA GLU B 88 8.25 -11.24 -41.35
C GLU B 88 8.41 -10.58 -42.72
N LYS B 89 7.29 -10.15 -43.31
CA LYS B 89 7.23 -9.56 -44.64
C LYS B 89 7.60 -8.08 -44.66
N ASN B 90 8.09 -7.55 -43.55
CA ASN B 90 8.37 -6.12 -43.41
C ASN B 90 7.15 -5.28 -43.79
N GLU B 91 5.95 -5.79 -43.48
CA GLU B 91 4.75 -5.00 -43.67
C GLU B 91 4.55 -4.03 -42.51
N VAL B 92 5.04 -4.40 -41.32
CA VAL B 92 5.11 -3.49 -40.18
C VAL B 92 6.50 -3.63 -39.56
N ASP B 93 6.78 -2.74 -38.61
CA ASP B 93 8.06 -2.72 -37.93
C ASP B 93 7.98 -3.11 -36.45
N LEU B 94 6.83 -2.94 -35.81
CA LEU B 94 6.71 -3.35 -34.41
C LEU B 94 5.24 -3.64 -34.11
N VAL B 95 5.02 -4.51 -33.13
CA VAL B 95 3.69 -4.91 -32.70
C VAL B 95 3.66 -4.92 -31.19
N VAL B 96 2.56 -4.43 -30.61
CA VAL B 96 2.40 -4.29 -29.16
C VAL B 96 1.50 -5.41 -28.63
N HIS B 97 1.97 -6.10 -27.58
CA HIS B 97 1.24 -7.19 -26.93
C HIS B 97 1.19 -6.96 -25.44
N SER B 98 0.11 -7.45 -24.81
CA SER B 98 0.20 -7.78 -23.40
C SER B 98 1.28 -8.83 -23.25
N LEU B 99 2.21 -8.61 -22.31
CA LEU B 99 3.36 -9.50 -22.18
C LEU B 99 2.92 -10.93 -21.80
N LYS B 100 1.84 -11.07 -21.02
CA LYS B 100 1.40 -12.39 -20.61
C LYS B 100 0.90 -13.21 -21.79
N ASP B 101 0.61 -12.55 -22.92
CA ASP B 101 0.19 -13.24 -24.13
C ASP B 101 1.37 -13.65 -25.01
N LEU B 102 2.58 -13.39 -24.61
CA LEU B 102 3.67 -13.85 -25.45
C LEU B 102 4.31 -15.10 -24.86
N PRO B 103 4.54 -16.14 -25.65
CA PRO B 103 5.18 -17.35 -25.12
C PRO B 103 6.58 -17.04 -24.59
N THR B 104 7.03 -17.91 -23.67
CA THR B 104 8.38 -17.77 -23.16
C THR B 104 9.41 -17.96 -24.25
N VAL B 105 9.06 -18.67 -25.33
CA VAL B 105 9.94 -18.87 -26.48
C VAL B 105 9.29 -18.22 -27.69
N LEU B 106 9.89 -17.16 -28.18
CA LEU B 106 9.40 -16.63 -29.44
C LEU B 106 9.98 -17.41 -30.63
N PRO B 107 9.22 -17.52 -31.71
CA PRO B 107 9.74 -18.13 -32.93
C PRO B 107 10.98 -17.41 -33.42
N PRO B 108 11.82 -18.08 -34.21
CA PRO B 108 13.06 -17.45 -34.67
C PRO B 108 12.78 -16.26 -35.56
N GLY B 109 13.61 -15.23 -35.43
CA GLY B 109 13.43 -14.00 -36.18
C GLY B 109 12.65 -12.93 -35.44
N PHE B 110 12.03 -13.26 -34.31
CA PHE B 110 11.30 -12.26 -33.54
C PHE B 110 11.89 -12.18 -32.14
N THR B 111 11.80 -10.99 -31.55
CA THR B 111 12.21 -10.76 -30.17
C THR B 111 11.30 -9.71 -29.57
N ILE B 112 11.31 -9.65 -28.23
CA ILE B 112 10.64 -8.57 -27.50
C ILE B 112 11.69 -7.49 -27.28
N GLY B 113 11.56 -6.38 -28.00
CA GLY B 113 12.54 -5.31 -27.94
C GLY B 113 12.29 -4.30 -26.87
N ALA B 114 11.17 -4.41 -26.14
CA ALA B 114 10.80 -3.44 -25.12
C ALA B 114 9.85 -4.09 -24.13
N ILE B 115 10.13 -3.91 -22.84
CA ILE B 115 9.16 -4.20 -21.79
C ILE B 115 8.79 -2.87 -21.14
N CYS B 116 7.54 -2.41 -21.36
CA CYS B 116 7.17 -1.09 -20.86
C CYS B 116 6.89 -1.12 -19.36
N LYS B 117 6.97 0.08 -18.76
CA LYS B 117 6.73 0.20 -17.33
C LYS B 117 5.40 -0.44 -16.93
N ARG B 118 5.45 -1.32 -15.93
CA ARG B 118 4.31 -2.13 -15.57
C ARG B 118 3.14 -1.26 -15.09
N GLU B 119 1.94 -1.57 -15.58
CA GLU B 119 0.72 -1.04 -15.01
C GLU B 119 0.29 -1.96 -13.87
N ASN B 120 -0.90 -1.74 -13.33
CA ASN B 120 -1.36 -2.54 -12.19
C ASN B 120 -1.43 -4.01 -12.60
N PRO B 121 -0.72 -4.92 -11.91
CA PRO B 121 -0.75 -6.34 -12.27
C PRO B 121 -1.86 -7.16 -11.64
N HIS B 122 -2.57 -6.62 -10.65
CA HIS B 122 -3.50 -7.41 -9.86
C HIS B 122 -4.75 -7.76 -10.66
N ASP B 123 -5.33 -8.91 -10.34
CA ASP B 123 -6.66 -9.24 -10.81
C ASP B 123 -7.68 -8.49 -9.97
N ALA B 124 -8.85 -8.30 -10.55
CA ALA B 124 -9.91 -7.49 -9.96
C ALA B 124 -11.25 -8.20 -10.08
N VAL B 125 -12.21 -7.75 -9.28
CA VAL B 125 -13.56 -8.29 -9.25
C VAL B 125 -14.52 -7.18 -9.61
N VAL B 126 -15.42 -7.42 -10.56
CA VAL B 126 -16.58 -6.56 -10.79
C VAL B 126 -17.82 -7.31 -10.30
N PHE B 127 -18.64 -6.64 -9.50
CA PHE B 127 -19.80 -7.28 -8.87
C PHE B 127 -21.09 -6.99 -9.61
N HIS B 128 -22.03 -7.91 -9.50
CA HIS B 128 -23.39 -7.67 -9.97
C HIS B 128 -23.93 -6.39 -9.30
N PRO B 129 -24.73 -5.59 -10.01
CA PRO B 129 -25.17 -4.30 -9.44
C PRO B 129 -25.89 -4.42 -8.10
N LYS B 130 -26.53 -5.55 -7.81
CA LYS B 130 -27.23 -5.63 -6.53
C LYS B 130 -26.26 -5.86 -5.36
N PHE B 131 -25.03 -6.24 -5.63
CA PHE B 131 -24.07 -6.59 -4.58
C PHE B 131 -23.09 -5.47 -4.31
N VAL B 132 -23.63 -4.25 -4.13
CA VAL B 132 -22.79 -3.07 -3.91
C VAL B 132 -22.13 -3.14 -2.54
N GLY B 133 -20.84 -2.81 -2.50
CA GLY B 133 -20.07 -2.87 -1.28
C GLY B 133 -19.66 -4.25 -0.82
N LYS B 134 -19.84 -5.28 -1.63
CA LYS B 134 -19.47 -6.63 -1.25
C LYS B 134 -18.07 -6.98 -1.77
N THR B 135 -17.48 -8.01 -1.15
CA THR B 135 -16.27 -8.67 -1.61
C THR B 135 -16.58 -10.13 -1.92
N LEU B 136 -15.57 -10.83 -2.45
CA LEU B 136 -15.73 -12.28 -2.62
C LEU B 136 -15.97 -12.96 -1.28
N GLU B 137 -15.37 -12.46 -0.21
CA GLU B 137 -15.54 -13.07 1.10
C GLU B 137 -16.98 -12.96 1.60
N THR B 138 -17.66 -11.84 1.30
CA THR B 138 -18.98 -11.59 1.85
C THR B 138 -20.11 -11.89 0.88
N LEU B 139 -19.83 -12.45 -0.29
CA LEU B 139 -20.92 -12.87 -1.15
C LEU B 139 -21.68 -14.04 -0.51
N PRO B 140 -22.96 -14.19 -0.81
CA PRO B 140 -23.68 -15.38 -0.33
C PRO B 140 -23.04 -16.65 -0.88
N GLU B 141 -23.06 -17.69 -0.08
CA GLU B 141 -22.57 -18.99 -0.52
C GLU B 141 -23.29 -19.42 -1.77
N LYS B 142 -22.60 -20.16 -2.62
CA LYS B 142 -23.06 -20.66 -3.91
C LYS B 142 -23.18 -19.55 -4.96
N SER B 143 -22.87 -18.30 -4.63
CA SER B 143 -22.75 -17.27 -5.66
C SER B 143 -21.82 -17.74 -6.77
N VAL B 144 -22.14 -17.36 -8.01
CA VAL B 144 -21.41 -17.81 -9.18
C VAL B 144 -20.55 -16.66 -9.69
N VAL B 145 -19.25 -16.92 -9.82
CA VAL B 145 -18.25 -15.95 -10.27
C VAL B 145 -17.70 -16.44 -11.60
N GLY B 146 -17.67 -15.53 -12.60
CA GLY B 146 -17.30 -15.90 -13.95
C GLY B 146 -15.83 -15.63 -14.26
N THR B 147 -15.16 -16.64 -14.80
CA THR B 147 -13.78 -16.49 -15.24
C THR B 147 -13.41 -17.63 -16.19
N SER B 148 -12.66 -17.27 -17.24
CA SER B 148 -12.16 -18.21 -18.23
C SER B 148 -10.67 -18.50 -18.07
N SER B 149 -10.12 -18.26 -16.88
CA SER B 149 -8.70 -18.45 -16.62
C SER B 149 -8.50 -19.64 -15.69
N LEU B 150 -7.79 -20.68 -16.18
CA LEU B 150 -7.42 -21.80 -15.32
C LEU B 150 -6.68 -21.31 -14.08
N ARG B 151 -5.74 -20.38 -14.27
CA ARG B 151 -4.95 -19.86 -13.15
C ARG B 151 -5.84 -19.20 -12.11
N ARG B 152 -6.78 -18.35 -12.55
CA ARG B 152 -7.66 -17.68 -11.61
C ARG B 152 -8.60 -18.67 -10.92
N ALA B 153 -9.23 -19.57 -11.70
CA ALA B 153 -10.20 -20.49 -11.14
C ALA B 153 -9.58 -21.36 -10.06
N ALA B 154 -8.43 -21.95 -10.36
CA ALA B 154 -7.79 -22.86 -9.41
C ALA B 154 -7.52 -22.16 -8.09
N GLN B 155 -6.92 -20.97 -8.15
CA GLN B 155 -6.59 -20.24 -6.93
C GLN B 155 -7.84 -19.78 -6.20
N LEU B 156 -8.86 -19.33 -6.94
CA LEU B 156 -10.02 -18.78 -6.26
C LEU B 156 -10.90 -19.88 -5.70
N GLN B 157 -11.01 -21.02 -6.40
CA GLN B 157 -11.70 -22.17 -5.82
C GLN B 157 -11.08 -22.55 -4.48
N ARG B 158 -9.75 -22.54 -4.39
CA ARG B 158 -9.07 -22.94 -3.17
C ARG B 158 -9.26 -21.91 -2.05
N LYS B 159 -9.25 -20.63 -2.39
CA LYS B 159 -9.45 -19.59 -1.38
C LYS B 159 -10.93 -19.39 -1.01
N PHE B 160 -11.85 -19.66 -1.94
CA PHE B 160 -13.30 -19.46 -1.72
C PHE B 160 -14.03 -20.74 -2.08
N PRO B 161 -13.99 -21.75 -1.20
CA PRO B 161 -14.62 -23.04 -1.55
C PRO B 161 -16.14 -22.98 -1.60
N HIS B 162 -16.74 -21.96 -1.01
CA HIS B 162 -18.20 -21.86 -0.99
C HIS B 162 -18.76 -21.08 -2.17
N LEU B 163 -17.91 -20.62 -3.09
CA LEU B 163 -18.37 -20.00 -4.32
C LEU B 163 -18.21 -20.97 -5.49
N GLU B 164 -18.96 -20.70 -6.56
CA GLU B 164 -18.86 -21.44 -7.80
C GLU B 164 -18.18 -20.58 -8.86
N PHE B 165 -17.11 -21.12 -9.47
CA PHE B 165 -16.39 -20.41 -10.52
C PHE B 165 -16.69 -21.08 -11.84
N ARG B 166 -17.35 -20.35 -12.74
CA ARG B 166 -17.83 -20.88 -14.00
C ARG B 166 -17.22 -20.08 -15.14
N SER B 167 -17.00 -20.74 -16.27
CA SER B 167 -16.40 -20.05 -17.40
C SER B 167 -17.34 -18.97 -17.93
N ILE B 168 -16.76 -17.86 -18.35
CA ILE B 168 -17.51 -16.81 -19.03
C ILE B 168 -16.71 -16.44 -20.26
N ARG B 169 -17.39 -16.15 -21.36
CA ARG B 169 -16.69 -15.74 -22.56
C ARG B 169 -17.29 -14.45 -23.12
N GLY B 170 -16.52 -13.80 -23.96
CA GLY B 170 -16.80 -12.47 -24.44
C GLY B 170 -15.68 -11.50 -24.11
N ASN B 171 -15.74 -10.34 -24.76
CA ASN B 171 -14.78 -9.30 -24.42
C ASN B 171 -15.24 -8.59 -23.14
N LEU B 172 -14.45 -7.61 -22.71
CA LEU B 172 -14.79 -6.84 -21.51
C LEU B 172 -16.21 -6.31 -21.60
N ASN B 173 -16.56 -5.72 -22.75
CA ASN B 173 -17.87 -5.12 -22.93
C ASN B 173 -18.98 -6.17 -22.80
N THR B 174 -18.74 -7.37 -23.32
CA THR B 174 -19.77 -8.41 -23.30
C THR B 174 -19.93 -9.02 -21.91
N ARG B 175 -18.82 -9.34 -21.25
CA ARG B 175 -18.90 -9.85 -19.88
C ARG B 175 -19.62 -8.86 -18.97
N LEU B 176 -19.33 -7.55 -19.11
CA LEU B 176 -19.98 -6.55 -18.27
C LEU B 176 -21.47 -6.47 -18.56
N ARG B 177 -21.87 -6.68 -19.82
CA ARG B 177 -23.28 -6.66 -20.14
C ARG B 177 -23.99 -7.85 -19.53
N LYS B 178 -23.42 -9.04 -19.69
CA LYS B 178 -23.96 -10.23 -19.05
C LYS B 178 -24.15 -10.02 -17.55
N LEU B 179 -23.16 -9.39 -16.90
CA LEU B 179 -23.26 -9.12 -15.47
C LEU B 179 -24.42 -8.20 -15.18
N ASP B 180 -24.56 -7.12 -15.96
CA ASP B 180 -25.58 -6.10 -15.68
C ASP B 180 -26.97 -6.58 -16.09
N GLU B 181 -27.07 -7.36 -17.17
CA GLU B 181 -28.35 -7.70 -17.76
C GLU B 181 -28.91 -9.02 -17.24
N GLN B 182 -28.10 -10.08 -17.22
CA GLN B 182 -28.56 -11.44 -16.92
C GLN B 182 -28.41 -11.77 -15.43
N GLN B 183 -28.97 -12.91 -15.02
CA GLN B 183 -28.97 -13.29 -13.62
C GLN B 183 -28.11 -14.52 -13.33
N GLU B 184 -27.11 -14.78 -14.17
CA GLU B 184 -26.25 -15.94 -13.95
C GLU B 184 -25.15 -15.63 -12.94
N PHE B 185 -24.39 -14.55 -13.17
CA PHE B 185 -23.17 -14.31 -12.41
C PHE B 185 -23.40 -13.28 -11.31
N SER B 186 -22.83 -13.56 -10.14
CA SER B 186 -22.77 -12.56 -9.07
C SER B 186 -21.58 -11.61 -9.20
N ALA B 187 -20.57 -11.98 -9.98
CA ALA B 187 -19.36 -11.18 -10.14
C ALA B 187 -18.53 -11.81 -11.25
N ILE B 188 -17.57 -11.03 -11.77
CA ILE B 188 -16.62 -11.55 -12.73
C ILE B 188 -15.21 -11.15 -12.31
N ILE B 189 -14.24 -11.94 -12.73
CA ILE B 189 -12.82 -11.68 -12.48
C ILE B 189 -12.18 -11.14 -13.75
N LEU B 190 -11.35 -10.11 -13.60
CA LEU B 190 -10.74 -9.41 -14.74
C LEU B 190 -9.37 -8.90 -14.31
N ALA B 191 -8.51 -8.63 -15.29
CA ALA B 191 -7.29 -7.93 -14.99
C ALA B 191 -7.60 -6.46 -14.76
N THR B 192 -7.06 -5.89 -13.69
CA THR B 192 -7.27 -4.48 -13.40
C THR B 192 -6.75 -3.59 -14.51
N ALA B 193 -5.62 -3.98 -15.13
CA ALA B 193 -5.02 -3.16 -16.18
C ALA B 193 -5.94 -3.03 -17.39
N GLY B 194 -6.71 -4.08 -17.68
CA GLY B 194 -7.68 -4.00 -18.76
C GLY B 194 -8.72 -2.92 -18.52
N LEU B 195 -9.37 -2.99 -17.35
CA LEU B 195 -10.37 -1.97 -17.02
C LEU B 195 -9.76 -0.57 -16.97
N GLN B 196 -8.51 -0.44 -16.48
CA GLN B 196 -7.90 0.88 -16.42
C GLN B 196 -7.72 1.46 -17.82
N ARG B 197 -7.20 0.65 -18.74
CA ARG B 197 -6.94 1.13 -20.10
C ARG B 197 -8.23 1.54 -20.81
N MET B 198 -9.34 0.88 -20.48
CA MET B 198 -10.66 1.22 -21.03
C MET B 198 -11.26 2.46 -20.38
N GLY B 199 -10.57 3.09 -19.45
CA GLY B 199 -11.19 4.16 -18.69
C GLY B 199 -12.28 3.70 -17.74
N TRP B 200 -12.31 2.39 -17.41
CA TRP B 200 -13.42 1.83 -16.65
C TRP B 200 -13.01 1.36 -15.25
N HIS B 201 -11.98 2.00 -14.68
CA HIS B 201 -11.55 1.67 -13.33
C HIS B 201 -12.68 1.77 -12.31
N ASN B 202 -13.67 2.62 -12.60
CA ASN B 202 -14.86 2.82 -11.78
C ASN B 202 -15.68 1.55 -11.61
N ARG B 203 -15.55 0.58 -12.52
CA ARG B 203 -16.29 -0.67 -12.37
C ARG B 203 -15.66 -1.59 -11.33
N VAL B 204 -14.40 -1.37 -10.96
CA VAL B 204 -13.68 -2.32 -10.10
C VAL B 204 -14.29 -2.33 -8.72
N GLY B 205 -14.71 -3.50 -8.23
CA GLY B 205 -15.30 -3.63 -6.92
C GLY B 205 -14.35 -4.10 -5.82
N GLN B 206 -13.34 -4.89 -6.19
CA GLN B 206 -12.35 -5.41 -5.26
C GLN B 206 -11.06 -5.72 -6.01
N ILE B 207 -9.93 -5.39 -5.40
CA ILE B 207 -8.60 -5.71 -5.93
C ILE B 207 -8.04 -6.89 -5.16
N LEU B 208 -7.78 -7.99 -5.86
CA LEU B 208 -7.35 -9.22 -5.21
C LEU B 208 -5.88 -9.16 -4.83
N HIS B 209 -5.59 -9.59 -3.61
CA HIS B 209 -4.27 -9.58 -3.02
C HIS B 209 -3.57 -10.92 -3.28
N PRO B 210 -2.24 -10.96 -3.16
CA PRO B 210 -1.52 -12.22 -3.40
C PRO B 210 -2.07 -13.41 -2.61
N GLU B 211 -2.54 -13.19 -1.37
CA GLU B 211 -3.09 -14.27 -0.56
C GLU B 211 -4.43 -14.78 -1.10
N GLU B 212 -5.06 -14.03 -2.00
CA GLU B 212 -6.31 -14.41 -2.65
C GLU B 212 -6.09 -14.96 -4.06
N CYS B 213 -5.26 -14.28 -4.86
CA CYS B 213 -5.02 -14.67 -6.23
C CYS B 213 -3.80 -13.93 -6.77
N MET B 214 -2.70 -14.65 -6.99
CA MET B 214 -1.51 -14.07 -7.62
C MET B 214 -1.71 -14.00 -9.12
N TYR B 215 -0.95 -13.10 -9.78
CA TYR B 215 -1.22 -12.76 -11.17
C TYR B 215 -0.43 -13.64 -12.13
N ALA B 216 -0.86 -13.61 -13.39
CA ALA B 216 -0.17 -14.32 -14.47
C ALA B 216 1.20 -13.71 -14.73
N VAL B 217 2.12 -14.55 -15.20
CA VAL B 217 3.47 -14.13 -15.58
C VAL B 217 3.35 -12.99 -16.58
N GLY B 218 3.92 -11.83 -16.25
CA GLY B 218 3.91 -10.69 -17.14
C GLY B 218 2.64 -9.85 -17.12
N GLN B 219 1.64 -10.19 -16.29
CA GLN B 219 0.40 -9.42 -16.29
C GLN B 219 0.66 -7.95 -15.98
N GLY B 220 -0.01 -7.07 -16.72
CA GLY B 220 0.12 -5.65 -16.51
C GLY B 220 1.23 -4.97 -17.30
N ALA B 221 2.18 -5.73 -17.87
CA ALA B 221 3.25 -5.20 -18.70
C ALA B 221 2.89 -5.33 -20.19
N LEU B 222 3.32 -4.34 -20.99
CA LEU B 222 3.23 -4.45 -22.45
C LEU B 222 4.61 -4.81 -23.00
N GLY B 223 4.65 -5.75 -23.93
CA GLY B 223 5.87 -6.11 -24.64
C GLY B 223 5.76 -5.70 -26.10
N VAL B 224 6.85 -5.14 -26.63
CA VAL B 224 6.90 -4.73 -28.03
C VAL B 224 7.69 -5.76 -28.82
N GLU B 225 7.01 -6.46 -29.74
CA GLU B 225 7.63 -7.49 -30.55
C GLU B 225 8.14 -6.88 -31.86
N VAL B 226 9.36 -7.25 -32.25
CA VAL B 226 10.05 -6.69 -33.42
C VAL B 226 10.86 -7.80 -34.08
N ARG B 227 11.34 -7.51 -35.29
CA ARG B 227 12.27 -8.43 -35.92
C ARG B 227 13.57 -8.52 -35.12
N ALA B 228 14.11 -9.74 -35.03
CA ALA B 228 15.20 -9.98 -34.09
C ALA B 228 16.49 -9.31 -34.54
N LYS B 229 16.69 -9.16 -35.84
CA LYS B 229 17.92 -8.58 -36.36
C LYS B 229 17.74 -7.15 -36.88
N ASP B 230 16.61 -6.50 -36.60
CA ASP B 230 16.34 -5.14 -37.06
C ASP B 230 16.93 -4.15 -36.05
N GLN B 231 18.21 -3.78 -36.26
CA GLN B 231 18.91 -2.97 -35.28
C GLN B 231 18.31 -1.57 -35.15
N ASP B 232 17.86 -0.99 -36.27
CA ASP B 232 17.29 0.36 -36.22
C ASP B 232 16.06 0.39 -35.33
N ILE B 233 15.12 -0.53 -35.55
CA ILE B 233 13.91 -0.58 -34.74
C ILE B 233 14.22 -0.95 -33.29
N LEU B 234 15.23 -1.80 -33.07
CA LEU B 234 15.59 -2.18 -31.70
C LEU B 234 16.17 -0.99 -30.96
N ASP B 235 16.98 -0.19 -31.67
CA ASP B 235 17.49 1.07 -31.13
C ASP B 235 16.34 1.96 -30.66
N LEU B 236 15.36 2.18 -31.54
CA LEU B 236 14.28 3.12 -31.22
C LEU B 236 13.42 2.62 -30.06
N VAL B 237 13.02 1.35 -30.09
CA VAL B 237 12.10 0.87 -29.05
C VAL B 237 12.81 0.64 -27.73
N GLY B 238 14.14 0.53 -27.73
CA GLY B 238 14.87 0.35 -26.48
C GLY B 238 14.63 1.46 -25.47
N VAL B 239 14.22 2.64 -25.93
CA VAL B 239 13.86 3.73 -25.03
C VAL B 239 12.69 3.33 -24.14
N LEU B 240 11.84 2.40 -24.57
CA LEU B 240 10.68 2.02 -23.78
C LEU B 240 10.99 1.09 -22.61
N HIS B 241 12.15 0.40 -22.60
CA HIS B 241 12.43 -0.56 -21.52
C HIS B 241 12.40 0.14 -20.17
N ASP B 242 11.61 -0.36 -19.24
CA ASP B 242 11.70 0.11 -17.86
C ASP B 242 12.52 -0.89 -17.06
N PRO B 243 13.69 -0.49 -16.53
CA PRO B 243 14.59 -1.48 -15.90
C PRO B 243 13.93 -2.34 -14.82
N GLU B 244 13.15 -1.76 -13.92
CA GLU B 244 12.55 -2.57 -12.87
C GLU B 244 11.55 -3.57 -13.45
N THR B 245 10.70 -3.13 -14.36
CA THR B 245 9.75 -4.05 -14.99
C THR B 245 10.47 -5.12 -15.80
N LEU B 246 11.52 -4.74 -16.54
CA LEU B 246 12.30 -5.71 -17.30
C LEU B 246 12.81 -6.82 -16.41
N LEU B 247 13.41 -6.45 -15.26
CA LEU B 247 14.00 -7.45 -14.37
C LEU B 247 12.95 -8.33 -13.71
N ARG B 248 11.83 -7.73 -13.29
CA ARG B 248 10.75 -8.52 -12.72
C ARG B 248 10.24 -9.54 -13.74
N CYS B 249 10.08 -9.09 -14.98
CA CYS B 249 9.44 -9.92 -15.99
C CYS B 249 10.40 -10.97 -16.54
N ILE B 250 11.70 -10.70 -16.55
CA ILE B 250 12.67 -11.77 -16.85
C ILE B 250 12.56 -12.89 -15.82
N ALA B 251 12.53 -12.53 -14.52
CA ALA B 251 12.44 -13.56 -13.46
C ALA B 251 11.17 -14.39 -13.59
N GLU B 252 10.03 -13.71 -13.80
CA GLU B 252 8.73 -14.38 -13.94
C GLU B 252 8.71 -15.30 -15.15
N ARG B 253 9.27 -14.83 -16.28
CA ARG B 253 9.23 -15.63 -17.50
C ARG B 253 10.23 -16.78 -17.44
N ALA B 254 11.38 -16.59 -16.79
CA ALA B 254 12.38 -17.65 -16.69
C ALA B 254 11.88 -18.75 -15.77
N PHE B 255 11.16 -18.36 -14.72
CA PHE B 255 10.48 -19.32 -13.86
C PHE B 255 9.46 -20.11 -14.67
N LEU B 256 8.59 -19.41 -15.40
CA LEU B 256 7.58 -20.10 -16.21
C LEU B 256 8.22 -21.02 -17.24
N ARG B 257 9.27 -20.54 -17.91
CA ARG B 257 9.94 -21.34 -18.94
C ARG B 257 10.47 -22.63 -18.36
N HIS B 258 11.18 -22.54 -17.24
CA HIS B 258 11.86 -23.71 -16.71
C HIS B 258 10.88 -24.73 -16.14
N LEU B 259 9.62 -24.37 -15.90
CA LEU B 259 8.52 -25.28 -15.63
C LEU B 259 7.83 -25.81 -16.89
N GLU B 260 8.27 -25.41 -18.07
CA GLU B 260 7.64 -25.82 -19.33
C GLU B 260 6.13 -25.48 -19.34
N GLY B 261 5.82 -24.19 -19.14
CA GLY B 261 4.46 -23.72 -19.18
C GLY B 261 4.27 -22.59 -20.17
N GLY B 262 3.03 -22.16 -20.29
CA GLY B 262 2.66 -21.06 -21.18
C GLY B 262 1.46 -20.30 -20.66
N CYS B 263 0.63 -19.80 -21.59
CA CYS B 263 -0.48 -18.95 -21.20
C CYS B 263 -1.56 -19.76 -20.48
N SER B 264 -1.81 -20.99 -20.93
CA SER B 264 -2.95 -21.81 -20.47
C SER B 264 -2.45 -22.92 -19.55
N VAL B 265 -2.23 -22.57 -18.29
CA VAL B 265 -1.66 -23.49 -17.32
C VAL B 265 -1.80 -22.82 -15.96
N PRO B 266 -2.00 -23.58 -14.86
CA PRO B 266 -2.17 -22.94 -13.53
C PRO B 266 -0.85 -22.62 -12.84
N VAL B 267 -0.21 -21.54 -13.30
CA VAL B 267 1.00 -20.99 -12.69
C VAL B 267 0.75 -19.50 -12.45
N ALA B 268 1.19 -19.00 -11.29
CA ALA B 268 1.02 -17.59 -10.94
C ALA B 268 2.27 -17.13 -10.20
N VAL B 269 2.47 -15.81 -10.17
CA VAL B 269 3.68 -15.23 -9.60
C VAL B 269 3.35 -13.94 -8.86
N HIS B 270 4.33 -13.49 -8.08
CA HIS B 270 4.37 -12.15 -7.50
C HIS B 270 5.83 -11.71 -7.49
N THR B 271 6.11 -10.51 -7.97
CA THR B 271 7.45 -9.96 -7.89
C THR B 271 7.43 -8.58 -7.24
N ALA B 272 8.52 -8.25 -6.57
CA ALA B 272 8.72 -6.89 -6.07
C ALA B 272 10.20 -6.64 -5.92
N MET B 273 10.59 -5.39 -6.17
CA MET B 273 11.99 -4.96 -6.01
C MET B 273 12.05 -3.89 -4.93
N LYS B 274 12.63 -4.24 -3.79
CA LYS B 274 12.84 -3.34 -2.67
C LYS B 274 14.23 -3.57 -2.09
N ASP B 275 14.80 -2.52 -1.52
CA ASP B 275 16.06 -2.57 -0.77
C ASP B 275 17.10 -3.44 -1.46
N GLY B 276 17.28 -3.19 -2.76
CA GLY B 276 18.26 -3.94 -3.54
C GLY B 276 17.92 -5.39 -3.79
N GLN B 277 16.76 -5.87 -3.33
CA GLN B 277 16.38 -7.27 -3.44
C GLN B 277 15.26 -7.42 -4.46
N LEU B 278 15.39 -8.43 -5.34
CA LEU B 278 14.29 -8.88 -6.18
C LEU B 278 13.65 -10.10 -5.53
N TYR B 279 12.36 -9.98 -5.18
CA TYR B 279 11.58 -11.05 -4.58
C TYR B 279 10.72 -11.72 -5.65
N LEU B 280 10.78 -13.05 -5.71
CA LEU B 280 9.95 -13.82 -6.62
C LEU B 280 9.20 -14.90 -5.84
N THR B 281 7.87 -14.78 -5.80
CA THR B 281 6.98 -15.82 -5.33
C THR B 281 6.35 -16.51 -6.53
N GLY B 282 6.37 -17.84 -6.52
CA GLY B 282 5.77 -18.60 -7.61
C GLY B 282 4.97 -19.78 -7.07
N GLY B 283 3.89 -20.10 -7.78
CA GLY B 283 3.04 -21.20 -7.39
C GLY B 283 2.49 -21.94 -8.59
N VAL B 284 2.16 -23.21 -8.36
CA VAL B 284 1.41 -24.04 -9.31
C VAL B 284 0.25 -24.69 -8.57
N TRP B 285 -0.84 -24.96 -9.30
CA TRP B 285 -2.08 -25.47 -8.72
C TRP B 285 -2.67 -26.52 -9.64
N SER B 286 -3.38 -27.49 -9.04
CA SER B 286 -4.26 -28.35 -9.83
C SER B 286 -5.47 -27.54 -10.26
N LEU B 287 -6.14 -28.03 -11.31
CA LEU B 287 -7.28 -27.30 -11.87
C LEU B 287 -8.36 -26.98 -10.85
N ASP B 288 -8.54 -27.82 -9.83
CA ASP B 288 -9.54 -27.52 -8.81
C ASP B 288 -8.95 -26.80 -7.61
N GLY B 289 -7.65 -26.58 -7.57
CA GLY B 289 -7.01 -25.86 -6.49
C GLY B 289 -6.61 -26.69 -5.28
N SER B 290 -6.98 -27.98 -5.23
CA SER B 290 -6.70 -28.77 -4.03
C SER B 290 -5.22 -29.08 -3.85
N ASP B 291 -4.46 -29.16 -4.94
CA ASP B 291 -3.03 -29.43 -4.88
C ASP B 291 -2.27 -28.18 -5.27
N SER B 292 -1.27 -27.80 -4.48
CA SER B 292 -0.50 -26.62 -4.85
C SER B 292 0.86 -26.66 -4.17
N ILE B 293 1.81 -25.98 -4.82
CA ILE B 293 3.12 -25.69 -4.26
C ILE B 293 3.39 -24.21 -4.47
N GLN B 294 3.84 -23.53 -3.42
CA GLN B 294 4.13 -22.11 -3.53
C GLN B 294 5.35 -21.80 -2.68
N GLU B 295 6.36 -21.17 -3.28
CA GLU B 295 7.58 -20.81 -2.57
C GLU B 295 8.03 -19.42 -3.00
N THR B 296 8.87 -18.82 -2.17
CA THR B 296 9.43 -17.49 -2.42
C THR B 296 10.94 -17.57 -2.29
N MET B 297 11.63 -17.04 -3.30
CA MET B 297 13.06 -16.83 -3.25
C MET B 297 13.35 -15.36 -3.55
N GLN B 298 14.59 -14.96 -3.26
CA GLN B 298 14.98 -13.58 -3.45
C GLN B 298 16.45 -13.53 -3.84
N ALA B 299 16.86 -12.37 -4.34
CA ALA B 299 18.24 -12.17 -4.77
C ALA B 299 18.58 -10.70 -4.71
N THR B 300 19.87 -10.42 -4.54
CA THR B 300 20.38 -9.05 -4.54
C THR B 300 20.55 -8.61 -5.98
N ILE B 301 19.60 -7.81 -6.47
CA ILE B 301 19.63 -7.24 -7.81
C ILE B 301 19.27 -5.77 -7.68
N HIS B 302 20.25 -4.89 -7.92
CA HIS B 302 20.02 -3.45 -7.86
C HIS B 302 19.45 -2.96 -9.17
N VAL B 303 18.42 -2.12 -9.09
CA VAL B 303 17.74 -1.61 -10.28
C VAL B 303 18.69 -0.64 -10.99
N PRO B 304 19.19 -0.98 -12.17
CA PRO B 304 20.15 -0.08 -12.84
C PRO B 304 19.49 1.19 -13.34
N ALA B 305 19.80 2.32 -12.68
CA ALA B 305 19.41 3.64 -13.18
C ALA B 305 20.49 4.17 -14.12
N GLN B 306 20.79 3.36 -15.14
CA GLN B 306 21.96 3.58 -15.98
C GLN B 306 21.77 2.82 -17.29
N HIS B 307 22.06 3.47 -18.41
CA HIS B 307 21.97 2.84 -19.72
C HIS B 307 23.36 2.57 -20.27
N GLU B 308 23.44 1.66 -21.24
CA GLU B 308 24.69 1.35 -21.92
C GLU B 308 24.36 0.91 -23.33
N ASP B 309 25.38 0.49 -24.08
CA ASP B 309 25.23 0.14 -25.50
C ASP B 309 25.84 -1.25 -25.70
N GLY B 310 25.20 -2.26 -25.12
CA GLY B 310 25.72 -3.62 -25.13
C GLY B 310 25.89 -4.19 -26.53
N PRO B 311 26.73 -5.21 -26.66
CA PRO B 311 27.05 -5.74 -27.99
C PRO B 311 25.89 -6.53 -28.58
N GLU B 312 25.71 -6.36 -29.90
CA GLU B 312 24.70 -7.11 -30.64
C GLU B 312 24.88 -8.61 -30.47
N ASP B 313 26.09 -9.06 -30.12
CA ASP B 313 26.37 -10.48 -29.90
C ASP B 313 25.58 -11.07 -28.74
N ASP B 314 25.13 -10.25 -27.80
CA ASP B 314 24.50 -10.77 -26.59
C ASP B 314 23.16 -11.43 -26.91
N PRO B 315 22.98 -12.69 -26.58
CA PRO B 315 21.73 -13.37 -26.94
C PRO B 315 20.54 -12.83 -26.15
N GLN B 316 19.35 -13.12 -26.67
CA GLN B 316 18.11 -12.82 -25.97
C GLN B 316 18.05 -13.55 -24.63
N LEU B 317 17.27 -13.01 -23.69
CA LEU B 317 17.00 -13.67 -22.42
C LEU B 317 15.50 -13.80 -22.26
N VAL B 318 15.03 -15.05 -22.12
CA VAL B 318 13.61 -15.44 -22.23
C VAL B 318 12.92 -14.55 -23.26
N GLY B 319 13.48 -14.49 -24.46
CA GLY B 319 12.85 -13.83 -25.59
C GLY B 319 13.00 -12.34 -25.65
N ILE B 320 13.76 -11.73 -24.74
CA ILE B 320 13.81 -10.28 -24.60
C ILE B 320 15.19 -9.77 -25.02
N THR B 321 15.22 -8.74 -25.86
CA THR B 321 16.46 -8.07 -26.23
C THR B 321 16.51 -6.73 -25.52
N ALA B 322 17.46 -6.57 -24.61
CA ALA B 322 17.61 -5.34 -23.86
C ALA B 322 19.10 -5.02 -23.73
N ARG B 323 19.74 -4.76 -24.87
CA ARG B 323 21.18 -4.49 -24.91
C ARG B 323 21.55 -3.14 -24.33
N ASN B 324 20.59 -2.27 -24.05
CA ASN B 324 20.90 -0.95 -23.52
C ASN B 324 20.69 -0.88 -22.01
N ILE B 325 20.33 -2.00 -21.40
CA ILE B 325 20.23 -2.14 -19.95
C ILE B 325 21.37 -3.06 -19.52
N PRO B 326 22.08 -2.75 -18.43
CA PRO B 326 23.18 -3.61 -17.98
C PRO B 326 22.77 -5.07 -17.90
N ARG B 327 23.67 -5.95 -18.34
CA ARG B 327 23.34 -7.35 -18.56
C ARG B 327 23.38 -8.15 -17.28
N GLY B 328 24.22 -7.77 -16.33
CA GLY B 328 24.38 -8.49 -15.08
C GLY B 328 23.09 -8.68 -14.31
N PRO B 329 22.35 -7.60 -14.05
CA PRO B 329 21.07 -7.75 -13.36
C PRO B 329 20.09 -8.59 -14.15
N GLN B 330 20.14 -8.55 -15.48
CA GLN B 330 19.24 -9.40 -16.26
C GLN B 330 19.53 -10.87 -16.03
N LEU B 331 20.82 -11.26 -16.07
CA LEU B 331 21.19 -12.65 -15.83
C LEU B 331 20.84 -13.07 -14.41
N ALA B 332 21.01 -12.15 -13.45
CA ALA B 332 20.68 -12.47 -12.07
C ALA B 332 19.19 -12.72 -11.90
N ALA B 333 18.36 -11.98 -12.64
CA ALA B 333 16.93 -12.18 -12.57
C ALA B 333 16.52 -13.49 -13.24
N GLN B 334 17.11 -13.78 -14.39
CA GLN B 334 16.88 -15.06 -15.04
C GLN B 334 17.25 -16.21 -14.10
N ASN B 335 18.40 -16.11 -13.42
CA ASN B 335 18.83 -17.19 -12.52
C ASN B 335 17.88 -17.35 -11.34
N LEU B 336 17.27 -16.24 -10.88
CA LEU B 336 16.29 -16.31 -9.81
C LEU B 336 15.07 -17.12 -10.23
N GLY B 337 14.57 -16.88 -11.45
CA GLY B 337 13.44 -17.66 -11.95
C GLY B 337 13.76 -19.13 -12.08
N ILE B 338 14.95 -19.45 -12.60
CA ILE B 338 15.38 -20.85 -12.71
C ILE B 338 15.47 -21.50 -11.33
N SER B 339 16.12 -20.80 -10.38
CA SER B 339 16.30 -21.36 -9.05
C SER B 339 14.95 -21.69 -8.40
N LEU B 340 13.97 -20.80 -8.54
CA LEU B 340 12.66 -21.07 -7.95
C LEU B 340 11.96 -22.20 -8.69
N ALA B 341 12.06 -22.24 -10.02
CA ALA B 341 11.45 -23.36 -10.74
C ALA B 341 12.05 -24.70 -10.30
N ASN B 342 13.37 -24.74 -10.09
CA ASN B 342 13.99 -26.01 -9.69
C ASN B 342 13.48 -26.43 -8.32
N LEU B 343 13.24 -25.47 -7.42
CA LEU B 343 12.75 -25.80 -6.09
C LEU B 343 11.35 -26.39 -6.16
N LEU B 344 10.47 -25.78 -6.95
CA LEU B 344 9.12 -26.29 -7.12
C LEU B 344 9.11 -27.67 -7.77
N LEU B 345 9.99 -27.88 -8.74
CA LEU B 345 10.07 -29.17 -9.42
C LEU B 345 10.53 -30.28 -8.47
N SER B 346 11.45 -29.99 -7.55
CA SER B 346 11.84 -30.99 -6.57
C SER B 346 10.77 -31.24 -5.53
N LYS B 347 9.65 -30.53 -5.61
CA LYS B 347 8.50 -30.75 -4.75
C LYS B 347 7.30 -31.31 -5.52
N GLY B 348 7.50 -31.73 -6.75
CA GLY B 348 6.45 -32.36 -7.53
C GLY B 348 5.66 -31.46 -8.45
N ALA B 349 6.19 -30.29 -8.81
CA ALA B 349 5.43 -29.39 -9.67
C ALA B 349 5.15 -30.01 -11.03
N LYS B 350 6.06 -30.87 -11.53
CA LYS B 350 5.86 -31.44 -12.86
C LYS B 350 4.60 -32.30 -12.92
N ASN B 351 4.32 -33.06 -11.85
CA ASN B 351 3.13 -33.89 -11.90
C ASN B 351 1.85 -33.06 -11.81
N ILE B 352 1.86 -32.01 -10.99
CA ILE B 352 0.70 -31.11 -10.94
C ILE B 352 0.44 -30.51 -12.31
N LEU B 353 1.49 -30.00 -12.95
CA LEU B 353 1.35 -29.37 -14.26
C LEU B 353 0.96 -30.38 -15.33
N ASP B 354 1.52 -31.60 -15.28
CA ASP B 354 1.20 -32.60 -16.29
C ASP B 354 -0.25 -33.08 -16.16
N VAL B 355 -0.72 -33.28 -14.93
CA VAL B 355 -2.12 -33.64 -14.72
C VAL B 355 -3.04 -32.49 -15.10
N ALA B 356 -2.65 -31.26 -14.77
CA ALA B 356 -3.50 -30.12 -15.14
C ALA B 356 -3.57 -29.97 -16.66
N ARG B 357 -2.43 -30.17 -17.34
CA ARG B 357 -2.39 -30.24 -18.79
C ARG B 357 -3.28 -31.34 -19.35
N GLN B 358 -3.72 -32.28 -18.51
CA GLN B 358 -4.60 -33.36 -18.94
C GLN B 358 -6.05 -32.83 -18.94
N LEU B 359 -6.34 -32.00 -19.93
CA LEU B 359 -7.66 -31.39 -20.11
C LEU B 359 -7.74 -30.77 -21.50
C1A DPM C . -6.88 5.79 16.89
C2A DPM C . -7.98 5.42 17.63
C3A DPM C . -9.03 6.19 17.24
C4A DPM C . -8.56 7.04 16.26
C5A DPM C . -7.99 4.32 18.70
C6A DPM C . -7.37 4.78 20.02
C7A DPM C . -10.46 6.18 17.78
C8A DPM C . -11.27 4.93 17.46
C9A DPM C . -12.60 4.98 18.22
CHA DPM C . -5.48 5.20 16.97
NA DPM C . -7.25 6.77 16.05
O1A DPM C . -6.90 3.92 20.82
O2A DPM C . -7.32 6.00 20.31
O3A DPM C . -13.69 5.04 17.57
O4A DPM C . -12.64 4.96 19.49
C1B DPM C . -8.67 9.44 15.70
C2B DPM C . -9.13 10.50 16.46
C3B DPM C . -8.21 11.50 16.35
C4B DPM C . -7.17 11.06 15.54
C5B DPM C . -10.47 10.52 17.22
C6B DPM C . -10.38 10.37 18.75
C7B DPM C . -8.26 12.88 17.00
C8B DPM C . -7.31 12.89 18.20
C9B DPM C . -5.84 13.15 17.85
CHB DPM C . -9.37 8.10 15.52
NB DPM C . -7.46 9.80 15.15
O1B DPM C . -9.53 9.58 19.28
O2B DPM C . -11.16 11.04 19.49
O3B DPM C . -4.94 12.69 18.59
O4B DPM C . -5.51 13.86 16.86
C1 GOL D . -0.43 15.42 33.55
O1 GOL D . 0.45 14.39 33.83
C2 GOL D . -1.71 15.18 34.39
O2 GOL D . -2.71 16.11 34.13
C3 GOL D . -2.15 13.73 34.05
O3 GOL D . -3.51 13.62 34.38
C1A DPM E . -3.95 -15.01 -20.69
C2A DPM E . -4.92 -15.27 -19.76
C3A DPM E . -5.96 -14.43 -20.02
C4A DPM E . -5.61 -13.64 -21.10
C5A DPM E . -4.81 -16.36 -18.68
C6A DPM E . -4.60 -15.79 -17.28
C7A DPM E . -7.26 -14.33 -19.25
C8A DPM E . -8.41 -15.15 -19.85
C9A DPM E . -9.71 -14.57 -19.29
CHA DPM E . -2.61 -15.73 -20.79
NA DPM E . -4.37 -14.02 -21.51
O1A DPM E . -4.50 -16.56 -16.28
O2A DPM E . -4.55 -14.55 -17.08
O3A DPM E . -10.60 -15.32 -18.78
O4A DPM E . -9.90 -13.32 -19.32
C1B DPM E . -5.78 -11.19 -21.47
C2B DPM E . -6.30 -10.15 -20.72
C3B DPM E . -5.39 -9.15 -20.74
C4B DPM E . -4.30 -9.56 -21.50
C5B DPM E . -7.67 -10.17 -20.04
C6B DPM E . -7.61 -10.30 -18.52
C7B DPM E . -5.46 -7.76 -20.06
C8B DPM E . -4.46 -7.72 -18.89
C9B DPM E . -2.97 -7.52 -19.26
CHB DPM E . -6.45 -12.54 -21.74
NB DPM E . -4.56 -10.82 -21.95
O1B DPM E . -6.67 -10.98 -18.00
O2B DPM E . -8.48 -9.73 -17.80
O3B DPM E . -2.05 -8.14 -18.65
O4B DPM E . -2.67 -6.74 -20.19
C1 GOL F . 18.83 -3.36 -28.22
O1 GOL F . 18.12 -3.57 -26.99
C2 GOL F . 19.70 -2.06 -28.12
O2 GOL F . 20.47 -1.82 -29.28
C3 GOL F . 18.70 -0.89 -27.90
O3 GOL F . 19.50 0.20 -27.57
C1 GOL G . 0.06 -6.11 -1.53
O1 GOL G . -1.24 -6.48 -1.25
C2 GOL G . 0.04 -5.55 -2.95
O2 GOL G . 0.41 -4.24 -3.02
C3 GOL G . 0.96 -6.51 -3.74
O3 GOL G . 2.23 -5.99 -3.67
#